data_4GLR
#
_entry.id   4GLR
#
_cell.length_a   68.5
_cell.length_b   216.5
_cell.length_c   70.0
_cell.angle_alpha   90.0
_cell.angle_beta   90.0
_cell.angle_gamma   90.0
#
_symmetry.space_group_name_H-M   'P 21 21 2'
#
loop_
_entity.id
_entity.type
_entity.pdbx_description
1 polymer phospho-peptide
2 polymer 'anti-ptau heavy chain'
3 polymer 'anti-ptau light chain'
4 non-polymer 'PHOSPHATE ION'
5 water water
#
loop_
_entity_poly.entity_id
_entity_poly.type
_entity_poly.pdbx_seq_one_letter_code
_entity_poly.pdbx_strand_id
1 'polypeptide(L)' KKVAVVR(TPO)PPK(SEP)PSSAKC A,B
2 'polypeptide(L)'
;AVTLDESGGGLQTPGGGLSLVCKASGFTLSSYQMMWVRQAPGKGLEWVAGITSRGGVTGYGSAVKGRATISRDNGQSTVR
LQLNNLRAEDTGTYYCAKPALDSDQCGFPEAGCIDAWGHGTEVIVSSASTKGPSVFPLAPSSKSTSGGTAALGCLVKDYF
PEPVTVSWNSGALTSGVHTFPAVLQSSGLYSLSSVVTVPSSSLGTQTYICNVNHKPSNTKVDKKVEPKS
;
H,J
3 'polypeptide(L)'
;HSALTQPTSVSANLGGSVEITCSGSDYDYGWYQQKAPGSAPVTVIYWNDKRPSDIPSRFSGSTSGSTSTLTITGVQAEDE
AVYYCGAYDGSAGGGIFGAGTTLTVLGQPKAAPSVTLFPPSSEELQANKATLVCLISDFYPGAVTVAWKADSSPVKAGVE
TTTPSKQSNNKYAASSYLSLTPEQWKSHRSYSCQVTHEGSTVEKTVAPTECS
;
I,K
#
# COMPACT_ATOMS: atom_id res chain seq x y z
N LYS A 2 -31.14 -50.22 2.98
CA LYS A 2 -30.30 -49.88 4.12
C LYS A 2 -31.08 -50.01 5.42
N VAL A 3 -30.42 -50.51 6.48
CA VAL A 3 -31.05 -50.68 7.80
C VAL A 3 -30.35 -49.78 8.84
N ALA A 4 -31.13 -48.93 9.56
CA ALA A 4 -30.62 -48.05 10.62
C ALA A 4 -29.94 -48.87 11.72
N VAL A 5 -28.78 -48.40 12.19
CA VAL A 5 -28.01 -49.09 13.24
C VAL A 5 -28.71 -49.07 14.60
N VAL A 6 -29.74 -48.21 14.73
CA VAL A 6 -30.47 -48.01 15.97
C VAL A 6 -31.89 -47.54 15.66
N ARG A 7 -32.83 -47.98 16.50
CA ARG A 7 -34.25 -47.62 16.48
C ARG A 7 -34.87 -48.05 17.79
N PRO A 9 -36.60 -50.26 20.34
CA PRO A 9 -36.83 -51.72 20.32
C PRO A 9 -38.33 -52.03 20.18
N PRO A 10 -38.75 -53.03 19.35
CA PRO A 10 -40.19 -53.31 19.23
C PRO A 10 -40.73 -53.94 20.51
N LYS A 11 -41.82 -53.34 21.05
CA LYS A 11 -42.48 -53.77 22.29
C LYS A 11 -43.93 -53.30 22.30
N LYS B 2 32.20 45.71 2.68
CA LYS B 2 30.93 45.85 1.96
C LYS B 2 29.84 46.38 2.90
N VAL B 3 28.91 47.20 2.39
CA VAL B 3 27.79 47.71 3.20
C VAL B 3 26.44 47.16 2.68
N ALA B 4 25.64 46.52 3.56
CA ALA B 4 24.31 45.96 3.22
C ALA B 4 23.39 47.06 2.74
N VAL B 5 22.63 46.81 1.65
CA VAL B 5 21.72 47.81 1.08
C VAL B 5 20.54 48.13 1.99
N VAL B 6 20.30 47.27 3.00
CA VAL B 6 19.17 47.38 3.91
C VAL B 6 19.52 46.73 5.25
N ARG B 7 18.90 47.24 6.32
CA ARG B 7 19.02 46.77 7.70
C ARG B 7 17.92 47.42 8.53
N PRO B 9 16.18 49.98 10.73
CA PRO B 9 16.56 51.37 11.05
C PRO B 9 16.92 51.51 12.54
N PRO B 10 17.98 52.27 12.93
CA PRO B 10 18.28 52.39 14.36
C PRO B 10 17.25 53.30 15.05
N LYS B 11 16.58 52.77 16.11
CA LYS B 11 15.57 53.46 16.96
C LYS B 11 14.97 52.56 18.04
N ALA C 1 -35.96 -26.54 -0.13
CA ALA C 1 -37.19 -26.78 0.63
C ALA C 1 -36.93 -27.14 2.11
N VAL C 2 -35.95 -28.02 2.38
CA VAL C 2 -35.58 -28.43 3.75
C VAL C 2 -34.81 -27.31 4.43
N THR C 3 -35.28 -26.87 5.60
CA THR C 3 -34.58 -25.86 6.39
C THR C 3 -34.51 -26.33 7.86
N LEU C 4 -33.37 -26.14 8.49
CA LEU C 4 -33.14 -26.43 9.91
C LEU C 4 -32.68 -25.10 10.47
N ASP C 5 -33.42 -24.58 11.46
CA ASP C 5 -33.19 -23.24 12.01
C ASP C 5 -32.96 -23.29 13.52
N GLU C 6 -31.70 -23.15 13.92
CA GLU C 6 -31.29 -23.21 15.33
C GLU C 6 -31.39 -21.86 16.03
N SER C 7 -31.81 -21.87 17.31
CA SER C 7 -31.90 -20.70 18.18
C SER C 7 -31.52 -21.15 19.61
N GLY C 8 -31.30 -20.19 20.52
CA GLY C 8 -30.96 -20.46 21.91
C GLY C 8 -29.50 -20.28 22.26
N GLY C 9 -28.69 -19.86 21.29
CA GLY C 9 -27.25 -19.66 21.51
C GLY C 9 -26.91 -18.36 22.21
N GLY C 10 -25.66 -17.93 22.05
CA GLY C 10 -25.19 -16.70 22.65
C GLY C 10 -24.32 -16.94 23.86
N LEU C 11 -24.13 -15.89 24.65
CA LEU C 11 -23.32 -15.97 25.86
C LEU C 11 -24.02 -16.84 26.92
N GLN C 12 -23.28 -17.80 27.52
CA GLN C 12 -23.78 -18.72 28.52
C GLN C 12 -22.86 -18.70 29.73
N THR C 13 -23.44 -19.03 30.88
CA THR C 13 -22.83 -19.07 32.21
C THR C 13 -21.93 -20.33 32.40
N PRO C 14 -20.61 -20.21 32.70
CA PRO C 14 -19.83 -21.42 33.07
C PRO C 14 -20.47 -22.16 34.24
N GLY C 15 -20.53 -23.48 34.13
CA GLY C 15 -21.12 -24.34 35.15
C GLY C 15 -22.63 -24.36 35.07
N GLY C 16 -23.19 -23.47 34.25
CA GLY C 16 -24.62 -23.29 34.06
C GLY C 16 -25.20 -24.16 32.97
N GLY C 17 -26.33 -23.73 32.40
CA GLY C 17 -27.01 -24.53 31.38
C GLY C 17 -27.51 -23.75 30.18
N LEU C 18 -27.71 -24.45 29.06
CA LEU C 18 -28.24 -23.84 27.85
C LEU C 18 -29.31 -24.72 27.27
N SER C 19 -30.13 -24.15 26.35
CA SER C 19 -31.20 -24.90 25.70
C SER C 19 -31.25 -24.42 24.26
N LEU C 20 -30.88 -25.29 23.32
CA LEU C 20 -30.89 -24.98 21.89
C LEU C 20 -32.09 -25.63 21.25
N VAL C 21 -32.73 -24.93 20.30
CA VAL C 21 -33.91 -25.47 19.63
C VAL C 21 -33.67 -25.40 18.12
N CYS C 22 -33.93 -26.51 17.42
CA CYS C 22 -33.84 -26.59 15.97
C CYS C 22 -35.28 -26.67 15.47
N LYS C 23 -35.72 -25.68 14.71
CA LYS C 23 -37.06 -25.69 14.11
C LYS C 23 -36.89 -26.20 12.68
N ALA C 24 -37.50 -27.37 12.42
CA ALA C 24 -37.40 -28.05 11.13
C ALA C 24 -38.61 -27.71 10.24
N SER C 25 -38.33 -27.46 8.96
CA SER C 25 -39.41 -27.21 8.01
C SER C 25 -39.07 -27.77 6.62
N GLY C 26 -40.10 -27.99 5.81
CA GLY C 26 -39.93 -28.51 4.46
C GLY C 26 -39.84 -30.01 4.35
N PHE C 27 -40.14 -30.72 5.45
CA PHE C 27 -40.17 -32.19 5.54
C PHE C 27 -40.91 -32.59 6.81
N THR C 28 -41.35 -33.86 6.86
CA THR C 28 -42.05 -34.43 8.01
C THR C 28 -40.97 -34.89 9.00
N LEU C 29 -40.80 -34.13 10.07
CA LEU C 29 -39.81 -34.40 11.11
C LEU C 29 -39.88 -35.79 11.71
N SER C 30 -41.11 -36.30 11.98
CA SER C 30 -41.35 -37.63 12.55
C SER C 30 -40.85 -38.82 11.68
N SER C 31 -40.54 -38.58 10.40
CA SER C 31 -40.02 -39.63 9.51
C SER C 31 -38.49 -39.76 9.63
N TYR C 32 -37.84 -38.91 10.45
CA TYR C 32 -36.39 -38.93 10.56
C TYR C 32 -35.83 -38.99 11.95
N GLN C 33 -34.70 -39.67 12.09
CA GLN C 33 -33.90 -39.61 13.32
C GLN C 33 -33.12 -38.30 13.16
N MET C 34 -32.68 -37.65 14.24
CA MET C 34 -32.01 -36.36 14.13
C MET C 34 -30.78 -36.29 14.99
N MET C 35 -29.87 -35.35 14.68
CA MET C 35 -28.65 -35.19 15.47
C MET C 35 -28.21 -33.74 15.57
N TRP C 36 -27.30 -33.48 16.51
CA TRP C 36 -26.63 -32.21 16.72
C TRP C 36 -25.14 -32.44 16.55
N VAL C 37 -24.48 -31.47 15.93
CA VAL C 37 -23.04 -31.50 15.64
C VAL C 37 -22.54 -30.12 16.10
N ARG C 38 -21.30 -30.04 16.59
CA ARG C 38 -20.75 -28.76 17.00
C ARG C 38 -19.34 -28.57 16.47
N GLN C 39 -18.84 -27.31 16.52
CA GLN C 39 -17.50 -26.99 16.05
C GLN C 39 -16.94 -25.88 16.96
N ALA C 40 -15.92 -26.21 17.74
CA ALA C 40 -15.20 -25.31 18.62
C ALA C 40 -14.32 -24.38 17.77
N PRO C 41 -14.00 -23.14 18.25
CA PRO C 41 -13.16 -22.23 17.43
C PRO C 41 -11.81 -22.84 17.04
N GLY C 42 -11.52 -22.81 15.75
CA GLY C 42 -10.30 -23.37 15.18
C GLY C 42 -10.21 -24.89 15.18
N LYS C 43 -11.35 -25.58 15.37
CA LYS C 43 -11.41 -27.04 15.41
C LYS C 43 -12.36 -27.58 14.31
N GLY C 44 -12.46 -28.89 14.24
CA GLY C 44 -13.34 -29.57 13.28
C GLY C 44 -14.72 -29.86 13.85
N LEU C 45 -15.53 -30.55 13.05
CA LEU C 45 -16.87 -31.00 13.41
C LEU C 45 -16.79 -32.10 14.49
N GLU C 46 -17.69 -32.06 15.46
CA GLU C 46 -17.76 -33.02 16.55
C GLU C 46 -19.22 -33.41 16.74
N TRP C 47 -19.52 -34.71 16.74
CA TRP C 47 -20.88 -35.23 16.91
C TRP C 47 -21.30 -35.05 18.38
N VAL C 48 -22.48 -34.46 18.61
CA VAL C 48 -22.92 -34.14 19.99
C VAL C 48 -23.95 -35.10 20.55
N ALA C 49 -25.09 -35.24 19.86
CA ALA C 49 -26.19 -36.06 20.37
C ALA C 49 -27.07 -36.47 19.20
N GLY C 50 -27.86 -37.51 19.40
CA GLY C 50 -28.80 -37.98 18.39
C GLY C 50 -30.01 -38.58 19.05
N ILE C 51 -31.14 -38.61 18.33
CA ILE C 51 -32.41 -39.11 18.82
C ILE C 51 -33.16 -39.86 17.70
N THR C 52 -33.87 -40.97 18.06
CA THR C 52 -34.69 -41.74 17.11
C THR C 52 -35.95 -40.95 16.78
N SER C 53 -36.71 -41.36 15.75
CA SER C 53 -37.88 -40.63 15.25
C SER C 53 -38.97 -40.26 16.29
N ARG C 54 -39.18 -41.09 17.32
CA ARG C 54 -40.19 -40.85 18.35
C ARG C 54 -39.59 -40.68 19.74
N GLY C 55 -38.28 -40.43 19.79
CA GLY C 55 -37.56 -40.20 21.04
C GLY C 55 -37.35 -41.40 21.92
N GLY C 56 -37.55 -42.60 21.38
CA GLY C 56 -37.36 -43.86 22.09
C GLY C 56 -35.93 -44.14 22.50
N VAL C 57 -34.94 -43.70 21.68
CA VAL C 57 -33.51 -43.91 21.97
C VAL C 57 -32.72 -42.62 21.73
N THR C 58 -31.81 -42.29 22.65
CA THR C 58 -30.92 -41.14 22.57
C THR C 58 -29.48 -41.61 22.70
N GLY C 59 -28.55 -40.80 22.20
CA GLY C 59 -27.12 -41.08 22.27
C GLY C 59 -26.35 -39.79 22.31
N TYR C 60 -25.19 -39.80 22.99
CA TYR C 60 -24.40 -38.61 23.23
C TYR C 60 -22.93 -38.84 22.97
N GLY C 61 -22.24 -37.80 22.50
CA GLY C 61 -20.79 -37.83 22.29
C GLY C 61 -20.11 -37.87 23.64
N SER C 62 -18.91 -38.47 23.72
CA SER C 62 -18.21 -38.60 25.02
C SER C 62 -17.95 -37.28 25.76
N ALA C 63 -17.75 -36.16 25.00
CA ALA C 63 -17.48 -34.84 25.58
C ALA C 63 -18.66 -34.22 26.35
N VAL C 64 -19.89 -34.67 26.08
CA VAL C 64 -21.11 -34.13 26.71
C VAL C 64 -21.87 -35.18 27.54
N LYS C 65 -21.45 -36.45 27.48
CA LYS C 65 -22.10 -37.56 28.20
C LYS C 65 -22.33 -37.22 29.68
N GLY C 66 -23.57 -37.35 30.14
CA GLY C 66 -23.95 -37.07 31.52
C GLY C 66 -24.34 -35.62 31.80
N ARG C 67 -24.17 -34.74 30.79
CA ARG C 67 -24.49 -33.32 30.90
C ARG C 67 -25.51 -32.90 29.83
N ALA C 68 -25.75 -33.77 28.84
CA ALA C 68 -26.65 -33.45 27.73
C ALA C 68 -27.97 -34.18 27.70
N THR C 69 -29.00 -33.49 27.17
CA THR C 69 -30.33 -34.08 26.98
C THR C 69 -30.86 -33.66 25.62
N ILE C 70 -31.04 -34.62 24.75
CA ILE C 70 -31.67 -34.41 23.43
C ILE C 70 -33.12 -34.86 23.52
N SER C 71 -34.03 -34.06 22.97
CA SER C 71 -35.45 -34.37 22.99
C SER C 71 -36.04 -33.83 21.71
N ARG C 72 -37.26 -34.26 21.38
CA ARG C 72 -37.92 -33.76 20.16
C ARG C 72 -39.42 -33.63 20.36
N ASP C 73 -40.03 -32.78 19.57
CA ASP C 73 -41.48 -32.60 19.57
C ASP C 73 -41.91 -32.61 18.12
N ASN C 74 -42.32 -33.80 17.63
CA ASN C 74 -42.73 -33.95 16.23
C ASN C 74 -43.92 -33.07 15.85
N GLY C 75 -44.82 -32.87 16.81
CA GLY C 75 -46.00 -32.02 16.63
C GLY C 75 -45.65 -30.57 16.38
N GLN C 76 -44.60 -30.06 17.04
CA GLN C 76 -44.13 -28.69 16.87
C GLN C 76 -43.01 -28.55 15.85
N SER C 77 -42.53 -29.69 15.30
CA SER C 77 -41.45 -29.79 14.32
C SER C 77 -40.12 -29.23 14.88
N THR C 78 -39.82 -29.58 16.13
CA THR C 78 -38.61 -29.09 16.81
C THR C 78 -37.78 -30.23 17.40
N VAL C 79 -36.44 -30.01 17.47
CA VAL C 79 -35.46 -30.90 18.14
C VAL C 79 -34.78 -29.98 19.13
N ARG C 80 -34.59 -30.44 20.35
CA ARG C 80 -34.01 -29.62 21.41
C ARG C 80 -32.77 -30.26 22.01
N LEU C 81 -31.77 -29.44 22.28
CA LEU C 81 -30.55 -29.88 22.94
C LEU C 81 -30.30 -29.05 24.20
N GLN C 82 -30.36 -29.71 25.35
CA GLN C 82 -30.02 -29.09 26.62
C GLN C 82 -28.63 -29.59 27.03
N LEU C 83 -27.80 -28.69 27.57
CA LEU C 83 -26.45 -28.98 28.02
C LEU C 83 -26.22 -28.23 29.33
N ASN C 84 -25.77 -28.92 30.39
CA ASN C 84 -25.53 -28.28 31.69
C ASN C 84 -24.08 -28.44 32.12
N ASN C 85 -23.71 -27.90 33.28
CA ASN C 85 -22.31 -27.92 33.77
C ASN C 85 -21.39 -27.44 32.66
N LEU C 86 -21.82 -26.36 32.03
CA LEU C 86 -21.12 -25.77 30.89
C LEU C 86 -19.70 -25.48 31.18
N ARG C 87 -18.88 -25.77 30.20
CA ARG C 87 -17.46 -25.49 30.30
CA ARG C 87 -17.45 -25.52 30.29
C ARG C 87 -16.94 -24.78 29.07
N ALA C 88 -15.74 -24.18 29.18
CA ALA C 88 -15.09 -23.43 28.09
C ALA C 88 -15.08 -24.31 26.79
N GLU C 89 -14.87 -25.63 26.95
CA GLU C 89 -14.80 -26.63 25.86
C GLU C 89 -16.12 -26.79 25.08
N ASP C 90 -17.22 -26.24 25.62
CA ASP C 90 -18.55 -26.25 24.97
C ASP C 90 -18.77 -25.05 24.06
N THR C 91 -17.85 -24.03 24.09
CA THR C 91 -17.94 -22.88 23.19
C THR C 91 -17.77 -23.39 21.74
N GLY C 92 -18.60 -22.88 20.85
CA GLY C 92 -18.54 -23.22 19.43
C GLY C 92 -19.85 -23.00 18.73
N THR C 93 -19.89 -23.42 17.46
CA THR C 93 -21.11 -23.32 16.65
C THR C 93 -21.83 -24.67 16.74
N TYR C 94 -23.12 -24.65 17.01
CA TYR C 94 -23.92 -25.86 17.12
C TYR C 94 -24.84 -25.96 15.95
N TYR C 95 -24.80 -27.13 15.25
CA TYR C 95 -25.65 -27.34 14.08
C TYR C 95 -26.62 -28.48 14.31
N CYS C 96 -27.84 -28.30 13.84
CA CYS C 96 -28.87 -29.30 13.75
C CYS C 96 -28.57 -30.00 12.40
N ALA C 97 -28.63 -31.35 12.35
CA ALA C 97 -28.33 -32.11 11.12
C ALA C 97 -29.34 -33.21 10.86
N LYS C 98 -29.82 -33.27 9.61
CA LYS C 98 -30.82 -34.24 9.17
C LYS C 98 -30.22 -35.34 8.31
N PRO C 99 -30.48 -36.63 8.62
CA PRO C 99 -30.04 -37.73 7.74
C PRO C 99 -30.80 -37.69 6.41
N ALA C 100 -30.16 -38.19 5.34
CA ALA C 100 -30.77 -38.21 4.01
C ALA C 100 -31.91 -39.19 3.88
N LEU C 101 -31.82 -40.33 4.60
CA LEU C 101 -32.79 -41.43 4.55
C LEU C 101 -33.67 -41.44 5.79
N ASP C 102 -34.85 -42.08 5.71
CA ASP C 102 -35.83 -42.16 6.80
C ASP C 102 -35.33 -42.95 8.02
N SER C 103 -36.08 -42.87 9.13
CA SER C 103 -35.74 -43.49 10.41
C SER C 103 -35.48 -45.00 10.37
N ASP C 104 -36.02 -45.72 9.36
CA ASP C 104 -35.78 -47.15 9.18
C ASP C 104 -34.39 -47.42 8.62
N GLN C 105 -33.85 -46.44 7.86
CA GLN C 105 -32.60 -46.59 7.10
C GLN C 105 -31.37 -45.94 7.73
N CYS C 106 -31.49 -44.68 8.22
CA CYS C 106 -30.39 -43.98 8.89
C CYS C 106 -30.71 -43.68 10.35
N GLY C 107 -29.88 -44.22 11.22
CA GLY C 107 -29.95 -43.99 12.64
C GLY C 107 -29.32 -42.66 13.00
N PHE C 108 -29.67 -42.14 14.18
CA PHE C 108 -29.12 -40.88 14.70
C PHE C 108 -27.56 -40.80 14.77
N PRO C 109 -26.76 -41.90 14.96
CA PRO C 109 -25.30 -41.73 15.06
C PRO C 109 -24.59 -42.01 13.72
N GLU C 110 -25.36 -42.12 12.65
CA GLU C 110 -24.79 -42.42 11.33
C GLU C 110 -24.40 -41.11 10.68
N ALA C 111 -23.25 -40.58 11.13
CA ALA C 111 -22.71 -39.28 10.70
C ALA C 111 -22.27 -39.24 9.22
N GLY C 112 -22.37 -40.40 8.55
CA GLY C 112 -22.09 -40.51 7.12
C GLY C 112 -23.35 -40.39 6.28
N CYS C 113 -24.54 -40.20 6.94
CA CYS C 113 -25.84 -40.12 6.25
CA CYS C 113 -25.91 -40.15 6.38
C CYS C 113 -26.46 -38.73 6.19
N ILE C 114 -25.76 -37.71 6.68
CA ILE C 114 -26.25 -36.33 6.70
C ILE C 114 -26.43 -35.68 5.31
N ASP C 115 -27.63 -35.15 5.02
CA ASP C 115 -27.83 -34.39 3.78
C ASP C 115 -28.19 -32.90 4.03
N ALA C 116 -28.76 -32.58 5.19
CA ALA C 116 -29.12 -31.18 5.49
C ALA C 116 -28.52 -30.70 6.77
N TRP C 117 -27.99 -29.47 6.74
CA TRP C 117 -27.38 -28.84 7.90
C TRP C 117 -28.10 -27.54 8.20
N GLY C 118 -28.21 -27.21 9.49
CA GLY C 118 -28.79 -25.93 9.90
C GLY C 118 -27.80 -24.80 9.67
N HIS C 119 -28.21 -23.53 9.84
CA HIS C 119 -27.28 -22.41 9.66
C HIS C 119 -26.26 -22.38 10.79
N GLY C 120 -26.61 -23.00 11.92
CA GLY C 120 -25.76 -23.03 13.10
C GLY C 120 -26.04 -21.87 14.03
N THR C 121 -25.78 -22.06 15.33
CA THR C 121 -25.96 -21.07 16.36
C THR C 121 -24.69 -21.02 17.24
N GLU C 122 -24.19 -19.81 17.52
CA GLU C 122 -22.97 -19.65 18.32
C GLU C 122 -23.25 -19.70 19.78
N VAL C 123 -22.41 -20.46 20.52
CA VAL C 123 -22.48 -20.61 21.98
C VAL C 123 -21.14 -20.13 22.52
N ILE C 124 -21.18 -19.20 23.48
CA ILE C 124 -19.97 -18.69 24.14
C ILE C 124 -20.11 -18.94 25.63
N VAL C 125 -19.24 -19.78 26.18
CA VAL C 125 -19.31 -20.08 27.62
C VAL C 125 -18.32 -19.17 28.33
N SER C 126 -18.83 -18.13 29.03
CA SER C 126 -17.98 -17.13 29.70
C SER C 126 -18.75 -16.36 30.74
N SER C 127 -18.09 -16.03 31.87
CA SER C 127 -18.71 -15.24 32.94
C SER C 127 -18.50 -13.74 32.67
N ALA C 128 -17.72 -13.40 31.62
CA ALA C 128 -17.45 -11.98 31.27
C ALA C 128 -18.77 -11.33 30.86
N SER C 129 -18.96 -10.08 31.26
CA SER C 129 -20.22 -9.39 30.98
C SER C 129 -20.22 -8.86 29.56
N THR C 130 -21.41 -8.62 29.00
CA THR C 130 -21.49 -8.03 27.66
CA THR C 130 -21.54 -8.04 27.68
C THR C 130 -21.00 -6.59 27.76
N LYS C 131 -20.36 -6.10 26.69
CA LYS C 131 -19.83 -4.74 26.64
C LYS C 131 -20.05 -4.24 25.23
N GLY C 132 -20.75 -3.11 25.13
CA GLY C 132 -21.02 -2.48 23.84
C GLY C 132 -19.76 -1.82 23.30
N PRO C 133 -19.65 -1.59 22.00
CA PRO C 133 -18.42 -0.96 21.48
C PRO C 133 -18.36 0.55 21.62
N SER C 134 -17.13 1.09 21.53
CA SER C 134 -16.88 2.50 21.41
C SER C 134 -16.58 2.63 19.91
N VAL C 135 -17.33 3.47 19.22
CA VAL C 135 -17.17 3.61 17.78
C VAL C 135 -16.46 4.93 17.47
N PHE C 136 -15.35 4.86 16.74
CA PHE C 136 -14.59 6.05 16.39
C PHE C 136 -14.50 6.21 14.90
N PRO C 137 -14.57 7.45 14.40
CA PRO C 137 -14.43 7.64 12.94
C PRO C 137 -12.97 7.51 12.51
N LEU C 138 -12.74 7.01 11.30
CA LEU C 138 -11.43 6.90 10.68
C LEU C 138 -11.50 7.82 9.47
N ALA C 139 -11.11 9.07 9.72
CA ALA C 139 -11.25 10.18 8.79
C ALA C 139 -10.49 9.98 7.49
N PRO C 140 -11.10 10.33 6.34
CA PRO C 140 -10.34 10.23 5.08
C PRO C 140 -9.18 11.29 5.12
N SER C 141 -8.03 11.00 4.52
CA SER C 141 -6.92 11.99 4.53
C SER C 141 -6.16 12.12 3.21
N SER C 142 -5.56 13.32 3.00
CA SER C 142 -4.85 13.73 1.78
C SER C 142 -3.63 12.89 1.47
N LYS C 143 -2.79 12.65 2.48
CA LYS C 143 -1.56 11.84 2.36
C LYS C 143 -1.91 10.36 2.60
N SER C 144 -3.16 9.97 2.24
CA SER C 144 -3.75 8.65 2.38
C SER C 144 -4.89 8.32 1.38
N THR C 145 -5.01 9.18 0.36
CA THR C 145 -5.95 9.11 -0.74
C THR C 145 -5.13 8.51 -1.98
N SER C 146 -5.82 7.79 -2.84
CA SER C 146 -5.17 7.24 -4.02
C SER C 146 -5.86 7.55 -5.34
N GLY C 147 -5.48 8.65 -5.95
CA GLY C 147 -5.97 9.00 -7.25
C GLY C 147 -7.46 9.12 -7.42
N GLY C 148 -8.05 10.05 -6.72
CA GLY C 148 -9.46 10.22 -6.88
C GLY C 148 -10.29 9.14 -6.19
N THR C 149 -9.65 8.30 -5.39
CA THR C 149 -10.39 7.43 -4.45
C THR C 149 -9.80 7.66 -3.08
N ALA C 150 -10.65 7.73 -2.07
CA ALA C 150 -10.26 7.96 -0.69
C ALA C 150 -10.84 6.84 0.18
N ALA C 151 -10.09 6.47 1.23
CA ALA C 151 -10.56 5.45 2.17
C ALA C 151 -10.95 6.12 3.45
N LEU C 152 -12.12 5.77 3.97
CA LEU C 152 -12.56 6.31 5.25
C LEU C 152 -13.18 5.14 5.97
N GLY C 153 -13.34 5.24 7.27
CA GLY C 153 -13.93 4.10 7.95
C GLY C 153 -14.35 4.35 9.37
N CYS C 154 -14.60 3.24 10.07
CA CYS C 154 -15.00 3.24 11.47
CA CYS C 154 -14.88 3.31 11.48
C CYS C 154 -14.28 2.18 12.27
N LEU C 155 -13.75 2.55 13.41
CA LEU C 155 -13.09 1.67 14.34
C LEU C 155 -14.15 1.28 15.39
N VAL C 156 -14.39 -0.03 15.55
CA VAL C 156 -15.42 -0.56 16.49
C VAL C 156 -14.60 -1.22 17.57
N LYS C 157 -14.39 -0.48 18.66
CA LYS C 157 -13.45 -0.85 19.71
C LYS C 157 -14.05 -1.46 20.96
N ASP C 158 -13.37 -2.51 21.47
CA ASP C 158 -13.62 -3.06 22.81
C ASP C 158 -15.04 -3.55 23.11
N TYR C 159 -15.52 -4.52 22.34
CA TYR C 159 -16.85 -5.05 22.60
C TYR C 159 -16.75 -6.51 22.94
N PHE C 160 -17.82 -7.03 23.52
CA PHE C 160 -17.93 -8.42 23.87
C PHE C 160 -19.38 -8.80 24.05
N PRO C 161 -19.83 -9.98 23.57
CA PRO C 161 -19.12 -10.94 22.71
C PRO C 161 -19.31 -10.58 21.23
N GLU C 162 -18.90 -11.46 20.31
CA GLU C 162 -19.23 -11.29 18.90
C GLU C 162 -20.73 -11.62 18.76
N PRO C 163 -21.42 -11.19 17.69
CA PRO C 163 -20.92 -10.43 16.54
C PRO C 163 -21.34 -8.96 16.56
N VAL C 164 -20.75 -8.20 15.64
CA VAL C 164 -21.08 -6.82 15.36
CA VAL C 164 -21.15 -6.83 15.36
C VAL C 164 -21.40 -6.79 13.86
N THR C 165 -22.35 -5.97 13.43
CA THR C 165 -22.56 -5.83 11.97
C THR C 165 -22.33 -4.35 11.70
N VAL C 166 -21.79 -4.05 10.52
CA VAL C 166 -21.55 -2.65 10.12
C VAL C 166 -22.19 -2.43 8.75
N SER C 167 -22.97 -1.38 8.62
CA SER C 167 -23.45 -0.94 7.32
C SER C 167 -23.02 0.51 7.16
N TRP C 168 -23.11 1.04 5.94
CA TRP C 168 -22.77 2.42 5.62
C TRP C 168 -23.98 3.10 5.04
N ASN C 169 -24.23 4.35 5.48
CA ASN C 169 -25.39 5.13 5.01
C ASN C 169 -26.69 4.32 5.07
N SER C 170 -26.92 3.66 6.22
CA SER C 170 -28.12 2.86 6.50
C SER C 170 -28.37 1.74 5.49
N GLY C 171 -27.30 1.20 4.92
CA GLY C 171 -27.38 0.11 3.95
C GLY C 171 -27.43 0.56 2.50
N ALA C 172 -27.48 1.88 2.25
CA ALA C 172 -27.49 2.43 0.88
C ALA C 172 -26.12 2.32 0.20
N LEU C 173 -25.03 2.26 0.99
CA LEU C 173 -23.68 2.21 0.45
C LEU C 173 -23.10 0.83 0.66
N THR C 174 -22.94 0.09 -0.44
CA THR C 174 -22.42 -1.29 -0.40
C THR C 174 -21.13 -1.46 -1.20
N SER C 175 -21.00 -0.78 -2.33
CA SER C 175 -19.82 -0.92 -3.18
C SER C 175 -18.59 -0.30 -2.54
N GLY C 176 -17.51 -1.05 -2.56
CA GLY C 176 -16.26 -0.63 -1.97
C GLY C 176 -16.21 -0.73 -0.46
N VAL C 177 -17.19 -1.44 0.17
CA VAL C 177 -17.18 -1.63 1.61
C VAL C 177 -16.37 -2.86 1.94
N HIS C 178 -15.47 -2.72 2.93
CA HIS C 178 -14.68 -3.85 3.39
CA HIS C 178 -14.62 -3.81 3.37
C HIS C 178 -14.65 -3.83 4.91
N THR C 179 -15.42 -4.76 5.52
CA THR C 179 -15.48 -4.90 6.97
C THR C 179 -14.52 -6.03 7.32
N PHE C 180 -13.51 -5.73 8.14
CA PHE C 180 -12.50 -6.70 8.48
C PHE C 180 -12.90 -7.60 9.66
N PRO C 181 -12.43 -8.87 9.67
CA PRO C 181 -12.67 -9.74 10.84
C PRO C 181 -12.04 -9.12 12.08
N ALA C 182 -12.70 -9.31 13.23
CA ALA C 182 -12.26 -8.77 14.50
C ALA C 182 -10.98 -9.39 15.02
N VAL C 183 -10.26 -8.61 15.83
CA VAL C 183 -9.11 -9.09 16.57
C VAL C 183 -9.66 -9.36 17.99
N LEU C 184 -9.17 -10.40 18.64
CA LEU C 184 -9.53 -10.63 20.04
C LEU C 184 -8.31 -10.16 20.79
N GLN C 185 -8.48 -9.12 21.62
CA GLN C 185 -7.38 -8.52 22.34
C GLN C 185 -7.08 -9.28 23.64
N SER C 186 -5.89 -9.05 24.22
CA SER C 186 -5.47 -9.69 25.47
C SER C 186 -6.44 -9.44 26.62
N SER C 187 -7.20 -8.32 26.55
CA SER C 187 -8.21 -7.90 27.53
C SER C 187 -9.44 -8.80 27.54
N GLY C 188 -9.61 -9.60 26.49
CA GLY C 188 -10.79 -10.45 26.31
C GLY C 188 -11.88 -9.75 25.51
N LEU C 189 -11.58 -8.56 25.01
CA LEU C 189 -12.55 -7.77 24.21
C LEU C 189 -12.15 -7.74 22.75
N TYR C 190 -13.13 -7.64 21.86
CA TYR C 190 -12.87 -7.61 20.43
C TYR C 190 -12.82 -6.18 19.92
N SER C 191 -12.18 -6.01 18.74
CA SER C 191 -12.21 -4.75 17.99
C SER C 191 -12.18 -5.10 16.53
N LEU C 192 -12.91 -4.34 15.73
CA LEU C 192 -12.86 -4.50 14.27
C LEU C 192 -12.91 -3.14 13.60
N SER C 193 -12.64 -3.13 12.30
CA SER C 193 -12.74 -1.93 11.50
C SER C 193 -13.50 -2.21 10.22
N SER C 194 -14.19 -1.20 9.73
CA SER C 194 -14.91 -1.25 8.44
C SER C 194 -14.44 -0.03 7.68
N VAL C 195 -14.03 -0.23 6.42
CA VAL C 195 -13.52 0.84 5.57
CA VAL C 195 -13.52 0.84 5.58
C VAL C 195 -14.35 0.88 4.28
N VAL C 196 -14.55 2.05 3.75
CA VAL C 196 -15.24 2.22 2.50
C VAL C 196 -14.37 3.10 1.61
N THR C 197 -14.21 2.70 0.34
CA THR C 197 -13.43 3.44 -0.67
C THR C 197 -14.43 4.19 -1.54
N VAL C 198 -14.32 5.53 -1.52
CA VAL C 198 -15.27 6.43 -2.16
C VAL C 198 -14.52 7.41 -3.09
N PRO C 199 -15.22 8.08 -4.02
CA PRO C 199 -14.53 9.10 -4.85
C PRO C 199 -14.03 10.25 -3.98
N SER C 200 -12.78 10.70 -4.19
CA SER C 200 -12.17 11.81 -3.45
C SER C 200 -12.99 13.10 -3.61
N SER C 201 -13.53 13.34 -4.82
CA SER C 201 -14.35 14.53 -5.15
C SER C 201 -15.63 14.66 -4.30
N SER C 202 -16.10 13.54 -3.72
CA SER C 202 -17.32 13.49 -2.91
C SER C 202 -17.11 13.94 -1.46
N LEU C 203 -15.86 14.04 -0.97
CA LEU C 203 -15.60 14.33 0.45
C LEU C 203 -16.18 15.62 0.99
N GLY C 204 -16.19 16.67 0.18
CA GLY C 204 -16.77 17.93 0.63
C GLY C 204 -18.28 18.02 0.56
N THR C 205 -18.92 17.07 -0.15
CA THR C 205 -20.37 17.14 -0.41
C THR C 205 -21.22 15.97 0.07
N GLN C 206 -20.64 14.74 0.12
CA GLN C 206 -21.38 13.55 0.52
C GLN C 206 -21.13 13.15 1.97
N THR C 207 -22.21 13.02 2.74
CA THR C 207 -22.18 12.56 4.13
C THR C 207 -22.00 11.03 4.15
N TYR C 208 -21.10 10.55 5.04
CA TYR C 208 -20.81 9.15 5.27
C TYR C 208 -21.00 8.84 6.74
N ILE C 209 -21.83 7.84 6.99
CA ILE C 209 -22.19 7.38 8.31
C ILE C 209 -22.05 5.88 8.39
N CYS C 210 -21.33 5.39 9.39
CA CYS C 210 -21.26 3.96 9.60
C CYS C 210 -22.30 3.58 10.69
N ASN C 211 -23.09 2.54 10.43
CA ASN C 211 -24.15 2.05 11.34
C ASN C 211 -23.67 0.77 11.95
N VAL C 212 -23.32 0.81 13.21
CA VAL C 212 -22.72 -0.32 13.90
C VAL C 212 -23.75 -0.93 14.84
N ASN C 213 -24.06 -2.23 14.66
CA ASN C 213 -25.07 -2.89 15.50
C ASN C 213 -24.43 -3.99 16.34
N HIS C 214 -24.58 -3.89 17.66
CA HIS C 214 -24.08 -4.91 18.58
C HIS C 214 -25.28 -5.40 19.37
N LYS C 215 -26.01 -6.35 18.78
CA LYS C 215 -27.22 -6.96 19.39
C LYS C 215 -27.00 -7.54 20.80
N PRO C 216 -25.84 -8.18 21.12
CA PRO C 216 -25.62 -8.65 22.50
C PRO C 216 -25.74 -7.59 23.61
N SER C 217 -25.38 -6.33 23.34
CA SER C 217 -25.51 -5.26 24.34
C SER C 217 -26.69 -4.34 24.02
N ASN C 218 -27.55 -4.72 23.01
CA ASN C 218 -28.69 -3.88 22.63
C ASN C 218 -28.26 -2.44 22.26
N THR C 219 -27.07 -2.33 21.61
CA THR C 219 -26.51 -1.04 21.24
C THR C 219 -26.43 -0.91 19.73
N LYS C 220 -26.73 0.27 19.24
CA LYS C 220 -26.52 0.62 17.84
C LYS C 220 -25.90 2.03 17.82
N VAL C 221 -24.83 2.24 17.07
CA VAL C 221 -24.20 3.56 16.98
C VAL C 221 -24.12 3.95 15.50
N ASP C 222 -24.55 5.19 15.16
CA ASP C 222 -24.45 5.72 13.80
C ASP C 222 -23.46 6.86 13.89
N LYS C 223 -22.22 6.60 13.45
CA LYS C 223 -21.14 7.55 13.55
C LYS C 223 -20.86 8.25 12.21
N LYS C 224 -20.97 9.59 12.21
CA LYS C 224 -20.68 10.45 11.07
C LYS C 224 -19.17 10.47 10.86
N VAL C 225 -18.69 10.24 9.63
CA VAL C 225 -17.26 10.20 9.34
C VAL C 225 -16.92 11.38 8.42
N GLU C 226 -16.27 12.39 9.01
CA GLU C 226 -15.97 13.65 8.35
C GLU C 226 -14.48 13.78 8.03
N PRO C 227 -14.10 14.58 6.99
CA PRO C 227 -12.65 14.81 6.73
C PRO C 227 -11.93 15.35 7.99
N LYS C 228 -10.70 14.87 8.24
CA LYS C 228 -9.86 15.14 9.42
C LYS C 228 -9.94 16.53 10.10
N SER C 229 -10.09 16.49 11.45
CA SER C 229 -10.17 17.64 12.38
C SER C 229 -9.88 17.15 13.81
N ALA D 3 -11.42 -43.31 15.96
CA ALA D 3 -11.37 -42.03 15.25
C ALA D 3 -11.17 -42.23 13.74
N LEU D 4 -11.58 -41.22 12.95
CA LEU D 4 -11.44 -41.23 11.51
C LEU D 4 -10.14 -40.58 11.07
N THR D 5 -9.48 -41.17 10.08
CA THR D 5 -8.22 -40.66 9.55
C THR D 5 -8.37 -40.16 8.12
N GLN D 6 -8.11 -38.87 7.92
CA GLN D 6 -8.12 -38.21 6.61
C GLN D 6 -6.91 -37.26 6.56
N PRO D 7 -6.26 -37.03 5.39
CA PRO D 7 -5.07 -36.17 5.38
C PRO D 7 -5.36 -34.71 5.74
N THR D 8 -4.38 -34.03 6.33
CA THR D 8 -4.52 -32.60 6.70
C THR D 8 -4.76 -31.74 5.45
N SER D 9 -3.98 -31.99 4.39
CA SER D 9 -4.04 -31.20 3.18
C SER D 9 -3.98 -32.02 1.91
N VAL D 10 -4.47 -31.42 0.82
CA VAL D 10 -4.44 -31.95 -0.53
C VAL D 10 -4.41 -30.77 -1.52
N SER D 11 -3.65 -30.92 -2.62
CA SER D 11 -3.56 -29.89 -3.66
C SER D 11 -3.99 -30.42 -5.00
N ALA D 12 -4.68 -29.59 -5.79
CA ALA D 12 -5.16 -29.91 -7.12
C ALA D 12 -4.97 -28.71 -8.05
N ASN D 13 -4.63 -28.97 -9.31
CA ASN D 13 -4.54 -27.91 -10.30
C ASN D 13 -5.93 -27.70 -10.89
N LEU D 14 -6.25 -26.45 -11.24
CA LEU D 14 -7.54 -26.04 -11.81
C LEU D 14 -7.87 -26.87 -13.06
N GLY D 15 -9.03 -27.51 -13.05
CA GLY D 15 -9.46 -28.37 -14.15
C GLY D 15 -9.02 -29.82 -14.01
N GLY D 16 -8.14 -30.08 -13.03
CA GLY D 16 -7.61 -31.41 -12.76
C GLY D 16 -8.45 -32.25 -11.82
N SER D 17 -7.86 -33.35 -11.33
CA SER D 17 -8.51 -34.27 -10.41
C SER D 17 -7.84 -34.32 -9.05
N VAL D 18 -8.63 -34.65 -8.01
CA VAL D 18 -8.15 -34.76 -6.64
C VAL D 18 -8.85 -35.92 -5.92
N GLU D 19 -8.11 -36.61 -5.05
CA GLU D 19 -8.65 -37.70 -4.23
C GLU D 19 -8.39 -37.47 -2.77
N ILE D 20 -9.40 -37.74 -1.94
CA ILE D 20 -9.27 -37.60 -0.49
C ILE D 20 -9.78 -38.89 0.12
N THR D 21 -8.94 -39.56 0.91
CA THR D 21 -9.33 -40.81 1.57
C THR D 21 -9.73 -40.58 3.02
N CYS D 22 -10.58 -41.46 3.55
CA CYS D 22 -11.01 -41.48 4.94
C CYS D 22 -11.19 -42.94 5.38
N SER D 23 -10.59 -43.29 6.52
CA SER D 23 -10.65 -44.63 7.10
C SER D 23 -10.93 -44.50 8.59
N GLY D 24 -11.27 -45.62 9.23
CA GLY D 24 -11.51 -45.66 10.66
C GLY D 24 -12.87 -46.19 11.07
N SER D 25 -13.81 -46.27 10.12
CA SER D 25 -15.15 -46.82 10.37
C SER D 25 -15.42 -48.04 9.47
N ASP D 26 -16.21 -49.00 9.96
CA ASP D 26 -16.63 -50.16 9.16
C ASP D 26 -18.05 -49.89 8.63
N TYR D 27 -18.52 -48.65 8.79
CA TYR D 27 -19.86 -48.22 8.38
C TYR D 27 -19.83 -47.25 7.18
N ASP D 28 -20.94 -46.55 6.90
CA ASP D 28 -21.04 -45.68 5.73
C ASP D 28 -20.45 -44.30 5.92
N TYR D 29 -19.77 -43.80 4.88
CA TYR D 29 -19.13 -42.51 4.95
C TYR D 29 -19.87 -41.41 4.24
N GLY D 30 -19.69 -40.20 4.77
CA GLY D 30 -20.22 -38.98 4.19
C GLY D 30 -19.13 -37.94 4.06
N TRP D 31 -19.29 -37.02 3.10
CA TRP D 31 -18.32 -35.95 2.87
C TRP D 31 -19.01 -34.59 2.94
N TYR D 32 -18.48 -33.70 3.79
CA TYR D 32 -19.09 -32.40 4.07
C TYR D 32 -18.12 -31.26 3.84
N GLN D 33 -18.52 -30.37 2.95
CA GLN D 33 -17.72 -29.21 2.55
C GLN D 33 -18.00 -28.01 3.45
N GLN D 34 -16.93 -27.39 3.95
CA GLN D 34 -17.04 -26.16 4.72
C GLN D 34 -16.05 -25.14 4.20
N LYS D 35 -16.57 -24.01 3.68
CA LYS D 35 -15.71 -22.96 3.12
C LYS D 35 -15.14 -22.03 4.19
N ALA D 36 -15.87 -21.82 5.28
CA ALA D 36 -15.42 -21.00 6.40
C ALA D 36 -15.87 -21.62 7.73
N PRO D 37 -15.01 -21.65 8.78
CA PRO D 37 -15.45 -22.20 10.08
C PRO D 37 -16.65 -21.43 10.63
N GLY D 38 -17.59 -22.14 11.24
CA GLY D 38 -18.82 -21.54 11.75
C GLY D 38 -19.93 -21.45 10.72
N SER D 39 -19.61 -21.61 9.41
CA SER D 39 -20.61 -21.58 8.32
CA SER D 39 -20.64 -21.57 8.36
C SER D 39 -21.14 -23.00 8.14
N ALA D 40 -22.42 -23.12 7.81
CA ALA D 40 -23.06 -24.41 7.66
C ALA D 40 -22.32 -25.27 6.66
N PRO D 41 -21.98 -26.53 7.04
CA PRO D 41 -21.34 -27.43 6.06
C PRO D 41 -22.34 -27.74 4.93
N VAL D 42 -21.81 -28.16 3.79
CA VAL D 42 -22.62 -28.56 2.63
C VAL D 42 -22.25 -30.02 2.33
N THR D 43 -23.25 -30.92 2.37
CA THR D 43 -23.01 -32.32 2.02
C THR D 43 -22.73 -32.41 0.52
N VAL D 44 -21.60 -33.05 0.16
CA VAL D 44 -21.25 -33.28 -1.23
C VAL D 44 -21.51 -34.75 -1.55
N ILE D 45 -21.30 -35.65 -0.56
CA ILE D 45 -21.53 -37.09 -0.67
C ILE D 45 -22.07 -37.62 0.65
N TYR D 46 -23.09 -38.50 0.59
CA TYR D 46 -23.62 -39.18 1.77
C TYR D 46 -23.80 -40.65 1.41
N TRP D 47 -23.87 -41.54 2.43
CA TRP D 47 -24.05 -42.99 2.24
C TRP D 47 -23.11 -43.55 1.14
N ASN D 48 -21.78 -43.29 1.34
CA ASN D 48 -20.64 -43.70 0.49
C ASN D 48 -20.56 -43.00 -0.86
N ASP D 49 -21.62 -43.07 -1.66
CA ASP D 49 -21.58 -42.58 -3.04
C ASP D 49 -22.76 -41.78 -3.56
N LYS D 50 -23.70 -41.39 -2.65
CA LYS D 50 -24.87 -40.61 -3.07
C LYS D 50 -24.56 -39.14 -3.06
N ARG D 51 -24.94 -38.47 -4.14
CA ARG D 51 -24.72 -37.05 -4.32
CA ARG D 51 -24.72 -37.05 -4.36
C ARG D 51 -26.05 -36.28 -4.25
N PRO D 52 -26.18 -35.28 -3.32
CA PRO D 52 -27.44 -34.51 -3.23
C PRO D 52 -27.75 -33.78 -4.53
N SER D 53 -29.05 -33.60 -4.83
CA SER D 53 -29.57 -32.97 -6.05
C SER D 53 -28.88 -31.68 -6.53
N ASP D 54 -28.51 -30.79 -5.60
CA ASP D 54 -27.86 -29.52 -5.91
C ASP D 54 -26.32 -29.58 -6.09
N ILE D 55 -25.71 -30.78 -5.94
CA ILE D 55 -24.26 -30.94 -6.05
C ILE D 55 -23.84 -31.36 -7.47
N PRO D 56 -22.86 -30.66 -8.09
CA PRO D 56 -22.42 -31.05 -9.44
C PRO D 56 -21.81 -32.46 -9.52
N SER D 57 -21.98 -33.10 -10.70
CA SER D 57 -21.50 -34.45 -11.05
C SER D 57 -20.00 -34.69 -10.83
N ARG D 58 -19.18 -33.62 -10.84
CA ARG D 58 -17.73 -33.71 -10.63
C ARG D 58 -17.34 -34.30 -9.26
N PHE D 59 -18.27 -34.29 -8.29
CA PHE D 59 -18.08 -34.88 -6.96
C PHE D 59 -18.55 -36.34 -6.98
N SER D 60 -17.67 -37.28 -6.60
CA SER D 60 -18.02 -38.69 -6.49
C SER D 60 -17.39 -39.30 -5.24
N GLY D 61 -18.02 -40.35 -4.75
CA GLY D 61 -17.58 -41.10 -3.58
C GLY D 61 -17.51 -42.57 -3.85
N SER D 62 -16.58 -43.26 -3.18
CA SER D 62 -16.39 -44.70 -3.32
C SER D 62 -15.80 -45.30 -2.05
N THR D 63 -16.55 -46.22 -1.42
CA THR D 63 -16.05 -46.97 -0.28
C THR D 63 -15.64 -48.33 -0.81
N SER D 64 -14.37 -48.71 -0.60
CA SER D 64 -13.83 -50.01 -0.94
C SER D 64 -13.26 -50.55 0.37
N GLY D 65 -13.77 -51.70 0.81
CA GLY D 65 -13.42 -52.25 2.11
C GLY D 65 -13.98 -51.32 3.18
N SER D 66 -13.12 -50.80 4.07
CA SER D 66 -13.52 -49.86 5.12
C SER D 66 -12.92 -48.44 4.92
N THR D 67 -12.54 -48.11 3.66
CA THR D 67 -11.92 -46.83 3.29
C THR D 67 -12.77 -46.10 2.23
N SER D 68 -13.09 -44.84 2.50
CA SER D 68 -13.83 -44.01 1.56
C SER D 68 -12.89 -43.11 0.78
N THR D 69 -13.17 -42.91 -0.51
CA THR D 69 -12.42 -41.97 -1.32
C THR D 69 -13.36 -40.94 -1.93
N LEU D 70 -13.14 -39.65 -1.64
CA LEU D 70 -13.90 -38.57 -2.24
C LEU D 70 -13.07 -38.12 -3.44
N THR D 71 -13.67 -38.14 -4.63
CA THR D 71 -12.99 -37.69 -5.85
C THR D 71 -13.69 -36.45 -6.45
N ILE D 72 -12.89 -35.46 -6.83
CA ILE D 72 -13.39 -34.28 -7.55
C ILE D 72 -12.68 -34.30 -8.90
N THR D 73 -13.42 -34.54 -10.00
CA THR D 73 -12.86 -34.61 -11.36
C THR D 73 -13.19 -33.33 -12.13
N GLY D 74 -12.19 -32.49 -12.37
CA GLY D 74 -12.39 -31.22 -13.07
C GLY D 74 -12.57 -30.07 -12.10
N VAL D 75 -11.61 -29.95 -11.16
CA VAL D 75 -11.56 -28.96 -10.07
C VAL D 75 -11.75 -27.51 -10.53
N GLN D 76 -12.64 -26.77 -9.84
CA GLN D 76 -12.90 -25.35 -10.06
C GLN D 76 -12.39 -24.61 -8.82
N ALA D 77 -12.20 -23.28 -8.90
CA ALA D 77 -11.69 -22.46 -7.79
C ALA D 77 -12.61 -22.45 -6.57
N GLU D 78 -13.94 -22.56 -6.79
CA GLU D 78 -14.96 -22.56 -5.73
C GLU D 78 -14.92 -23.87 -4.89
N ASP D 79 -14.22 -24.91 -5.35
CA ASP D 79 -14.07 -26.19 -4.65
C ASP D 79 -13.10 -26.08 -3.44
N GLU D 80 -12.26 -25.02 -3.41
CA GLU D 80 -11.33 -24.75 -2.30
C GLU D 80 -12.15 -24.65 -1.03
N ALA D 81 -11.91 -25.58 -0.08
CA ALA D 81 -12.63 -25.68 1.17
C ALA D 81 -11.98 -26.72 2.06
N VAL D 82 -12.54 -26.89 3.25
CA VAL D 82 -12.16 -27.96 4.18
C VAL D 82 -13.25 -29.02 3.96
N TYR D 83 -12.83 -30.25 3.71
CA TYR D 83 -13.74 -31.39 3.53
C TYR D 83 -13.64 -32.27 4.73
N TYR D 84 -14.76 -32.48 5.42
CA TYR D 84 -14.83 -33.37 6.57
C TYR D 84 -15.48 -34.67 6.19
N CYS D 85 -14.89 -35.80 6.62
CA CYS D 85 -15.54 -37.10 6.43
C CYS D 85 -16.28 -37.43 7.73
N GLY D 86 -17.42 -38.10 7.60
CA GLY D 86 -18.25 -38.50 8.74
C GLY D 86 -18.71 -39.93 8.58
N ALA D 87 -18.89 -40.64 9.71
CA ALA D 87 -19.31 -42.03 9.73
C ALA D 87 -19.81 -42.45 11.10
N TYR D 88 -20.31 -43.68 11.22
CA TYR D 88 -20.74 -44.21 12.49
C TYR D 88 -19.56 -44.89 13.18
N ASP D 89 -19.41 -44.70 14.50
CA ASP D 89 -18.36 -45.35 15.29
C ASP D 89 -18.96 -46.63 15.89
N GLY D 90 -18.66 -47.76 15.29
CA GLY D 90 -19.17 -49.07 15.70
C GLY D 90 -18.70 -49.55 17.07
N SER D 91 -17.49 -49.15 17.50
CA SER D 91 -16.92 -49.55 18.79
C SER D 91 -17.59 -48.75 19.94
N ALA D 92 -17.62 -47.40 19.85
CA ALA D 92 -18.19 -46.55 20.90
C ALA D 92 -19.70 -46.22 20.81
N GLY D 93 -20.30 -46.22 19.61
CA GLY D 93 -21.74 -46.07 19.46
C GLY D 93 -22.39 -44.75 19.03
N GLY D 94 -21.57 -43.73 18.81
CA GLY D 94 -22.04 -42.42 18.36
C GLY D 94 -21.48 -42.10 16.99
N GLY D 95 -21.67 -40.85 16.57
CA GLY D 95 -21.15 -40.34 15.31
C GLY D 95 -19.71 -39.91 15.45
N ILE D 96 -18.95 -39.94 14.36
CA ILE D 96 -17.54 -39.53 14.36
C ILE D 96 -17.22 -38.78 13.08
N PHE D 97 -16.27 -37.86 13.17
CA PHE D 97 -15.81 -37.08 12.03
C PHE D 97 -14.31 -37.12 11.97
N GLY D 98 -13.77 -36.99 10.76
CA GLY D 98 -12.34 -36.86 10.56
C GLY D 98 -11.94 -35.42 10.92
N ALA D 99 -10.62 -35.14 11.01
CA ALA D 99 -10.13 -33.81 11.38
C ALA D 99 -10.27 -32.76 10.28
N GLY D 100 -10.63 -33.18 9.07
CA GLY D 100 -10.83 -32.27 7.94
C GLY D 100 -9.62 -32.19 7.02
N THR D 101 -9.89 -32.10 5.71
CA THR D 101 -8.85 -32.01 4.68
C THR D 101 -9.00 -30.67 3.96
N THR D 102 -7.93 -29.87 3.95
CA THR D 102 -7.94 -28.58 3.26
C THR D 102 -7.51 -28.77 1.82
N LEU D 103 -8.41 -28.41 0.89
CA LEU D 103 -8.12 -28.47 -0.54
C LEU D 103 -7.66 -27.09 -1.03
N THR D 104 -6.45 -27.06 -1.58
CA THR D 104 -5.88 -25.86 -2.17
CA THR D 104 -5.82 -25.88 -2.16
C THR D 104 -5.84 -26.04 -3.69
N VAL D 105 -6.41 -25.08 -4.41
CA VAL D 105 -6.44 -25.08 -5.86
C VAL D 105 -5.18 -24.27 -6.22
N LEU D 106 -4.24 -24.92 -6.90
CA LEU D 106 -2.96 -24.30 -7.27
C LEU D 106 -3.12 -23.37 -8.48
N GLY D 107 -2.04 -22.63 -8.78
CA GLY D 107 -2.01 -21.71 -9.91
C GLY D 107 -2.60 -20.34 -9.62
N GLN D 108 -2.82 -20.00 -8.33
CA GLN D 108 -3.34 -18.68 -8.04
C GLN D 108 -2.16 -17.71 -8.05
N PRO D 109 -2.25 -16.61 -8.83
CA PRO D 109 -1.10 -15.69 -8.89
C PRO D 109 -0.76 -14.99 -7.59
N LYS D 110 0.52 -14.69 -7.35
CA LYS D 110 0.95 -13.93 -6.18
C LYS D 110 0.33 -12.52 -6.27
N ALA D 111 -0.12 -11.94 -5.15
CA ALA D 111 -0.68 -10.58 -5.16
C ALA D 111 -0.14 -9.84 -3.95
N ALA D 112 0.48 -8.67 -4.16
CA ALA D 112 1.04 -7.86 -3.07
C ALA D 112 -0.10 -7.26 -2.24
N PRO D 113 0.09 -7.04 -0.94
CA PRO D 113 -0.99 -6.40 -0.15
C PRO D 113 -1.18 -4.91 -0.43
N SER D 114 -2.43 -4.45 -0.30
CA SER D 114 -2.76 -3.03 -0.26
C SER D 114 -2.76 -2.73 1.25
N VAL D 115 -2.19 -1.59 1.67
CA VAL D 115 -2.12 -1.23 3.09
C VAL D 115 -2.75 0.14 3.32
N THR D 116 -3.66 0.23 4.30
CA THR D 116 -4.26 1.51 4.67
C THR D 116 -4.00 1.68 6.14
N LEU D 117 -3.40 2.82 6.52
CA LEU D 117 -3.10 3.08 7.92
C LEU D 117 -3.81 4.34 8.42
N PHE D 118 -4.52 4.24 9.53
CA PHE D 118 -5.21 5.39 10.13
C PHE D 118 -4.62 5.73 11.45
N PRO D 119 -4.46 7.04 11.71
CA PRO D 119 -4.00 7.46 13.03
C PRO D 119 -5.18 7.46 14.02
N PRO D 120 -4.96 7.72 15.32
CA PRO D 120 -6.08 7.81 16.26
C PRO D 120 -6.99 8.98 15.91
N SER D 121 -8.29 8.79 16.14
CA SER D 121 -9.27 9.85 15.94
C SER D 121 -9.14 10.85 17.10
N SER D 122 -9.56 12.11 16.88
CA SER D 122 -9.64 13.12 17.95
C SER D 122 -10.52 12.60 19.11
N GLU D 123 -11.65 11.91 18.78
CA GLU D 123 -12.58 11.36 19.76
C GLU D 123 -11.93 10.35 20.71
N GLU D 124 -11.10 9.46 20.18
CA GLU D 124 -10.44 8.44 21.01
C GLU D 124 -9.39 9.10 21.91
N LEU D 125 -8.65 10.07 21.37
CA LEU D 125 -7.63 10.82 22.11
C LEU D 125 -8.26 11.58 23.28
N GLN D 126 -9.47 12.12 23.08
CA GLN D 126 -10.23 12.82 24.13
C GLN D 126 -10.71 11.85 25.23
N ALA D 127 -10.76 10.54 24.94
CA ALA D 127 -11.10 9.46 25.87
C ALA D 127 -9.84 8.83 26.50
N ASN D 128 -8.68 9.50 26.36
CA ASN D 128 -7.39 9.08 26.91
C ASN D 128 -6.86 7.73 26.38
N LYS D 129 -7.21 7.42 25.14
CA LYS D 129 -6.73 6.23 24.44
C LYS D 129 -6.24 6.61 23.05
N ALA D 130 -5.55 5.70 22.39
CA ALA D 130 -5.03 5.93 21.04
C ALA D 130 -4.78 4.61 20.41
N THR D 131 -5.38 4.40 19.24
CA THR D 131 -5.18 3.17 18.49
C THR D 131 -4.79 3.54 17.06
N LEU D 132 -3.73 2.90 16.55
CA LEU D 132 -3.33 3.02 15.14
C LEU D 132 -3.90 1.79 14.45
N VAL D 133 -4.53 2.00 13.30
CA VAL D 133 -5.22 0.91 12.61
C VAL D 133 -4.58 0.64 11.24
N CYS D 134 -4.02 -0.55 11.07
CA CYS D 134 -3.36 -0.96 9.84
C CYS D 134 -4.16 -2.07 9.17
N LEU D 135 -4.82 -1.73 8.05
CA LEU D 135 -5.69 -2.65 7.28
CA LEU D 135 -5.66 -2.67 7.32
C LEU D 135 -4.94 -3.19 6.08
N ILE D 136 -4.87 -4.52 5.95
CA ILE D 136 -4.08 -5.21 4.91
C ILE D 136 -4.99 -6.07 4.08
N SER D 137 -5.05 -5.84 2.78
CA SER D 137 -5.99 -6.58 1.98
C SER D 137 -5.46 -6.99 0.61
N ASP D 138 -6.20 -7.92 -0.02
CA ASP D 138 -5.96 -8.39 -1.40
C ASP D 138 -4.61 -9.04 -1.61
N PHE D 139 -4.10 -9.74 -0.60
CA PHE D 139 -2.81 -10.40 -0.78
C PHE D 139 -2.95 -11.94 -0.96
N TYR D 140 -2.00 -12.53 -1.68
CA TYR D 140 -1.95 -13.97 -1.91
C TYR D 140 -0.49 -14.34 -2.19
N PRO D 141 0.13 -15.38 -1.55
CA PRO D 141 -0.43 -16.31 -0.53
C PRO D 141 -0.78 -15.62 0.80
N GLY D 142 -1.56 -16.31 1.62
CA GLY D 142 -2.10 -15.78 2.87
C GLY D 142 -1.21 -15.75 4.09
N ALA D 143 -0.03 -15.16 3.95
CA ALA D 143 0.92 -14.99 5.04
C ALA D 143 1.60 -13.62 4.89
N VAL D 144 1.58 -12.83 5.96
CA VAL D 144 2.25 -11.52 5.98
C VAL D 144 2.96 -11.40 7.31
N THR D 145 4.01 -10.58 7.33
CA THR D 145 4.67 -10.24 8.59
C THR D 145 4.46 -8.75 8.81
N VAL D 146 4.01 -8.36 10.01
CA VAL D 146 3.70 -6.96 10.34
C VAL D 146 4.70 -6.46 11.35
N ALA D 147 5.33 -5.32 11.06
CA ALA D 147 6.24 -4.69 11.99
C ALA D 147 5.81 -3.25 12.15
N TRP D 148 5.88 -2.74 13.37
CA TRP D 148 5.52 -1.35 13.65
C TRP D 148 6.75 -0.60 14.08
N LYS D 149 6.81 0.67 13.71
CA LYS D 149 7.91 1.54 14.12
C LYS D 149 7.38 2.84 14.74
N ALA D 150 8.03 3.32 15.82
CA ALA D 150 7.80 4.62 16.50
C ALA D 150 9.05 5.42 16.04
N ASP D 151 8.82 6.37 15.11
CA ASP D 151 9.87 7.07 14.35
C ASP D 151 10.59 5.90 13.60
N SER D 152 11.89 5.68 13.82
CA SER D 152 12.62 4.56 13.19
C SER D 152 12.82 3.34 14.12
N SER D 153 12.36 3.42 15.38
CA SER D 153 12.55 2.36 16.37
C SER D 153 11.44 1.32 16.34
N PRO D 154 11.80 0.02 16.47
CA PRO D 154 10.76 -1.03 16.51
C PRO D 154 9.87 -0.91 17.73
N VAL D 155 8.57 -1.20 17.58
CA VAL D 155 7.62 -1.12 18.70
C VAL D 155 7.53 -2.50 19.31
N LYS D 156 7.88 -2.58 20.60
CA LYS D 156 7.98 -3.77 21.45
C LYS D 156 6.67 -4.32 22.04
N ALA D 157 5.63 -3.47 22.24
CA ALA D 157 4.40 -3.81 22.93
C ALA D 157 3.19 -3.06 22.39
N GLY D 158 2.01 -3.56 22.70
CA GLY D 158 0.73 -2.97 22.31
C GLY D 158 0.25 -3.34 20.93
N VAL D 159 0.90 -4.31 20.29
CA VAL D 159 0.55 -4.77 18.94
C VAL D 159 -0.38 -5.99 19.02
N GLU D 160 -1.53 -5.94 18.31
CA GLU D 160 -2.47 -7.04 18.20
C GLU D 160 -2.76 -7.21 16.69
N THR D 161 -2.48 -8.41 16.12
CA THR D 161 -2.67 -8.66 14.69
C THR D 161 -3.54 -9.89 14.48
N THR D 162 -4.44 -9.82 13.51
CA THR D 162 -5.29 -10.98 13.22
C THR D 162 -4.54 -11.99 12.36
N THR D 163 -5.08 -13.21 12.29
CA THR D 163 -4.55 -14.21 11.37
C THR D 163 -5.20 -13.89 10.04
N PRO D 164 -4.52 -14.07 8.89
CA PRO D 164 -5.16 -13.75 7.60
C PRO D 164 -6.40 -14.60 7.35
N SER D 165 -7.39 -14.03 6.65
CA SER D 165 -8.62 -14.76 6.34
C SER D 165 -8.98 -14.46 4.91
N LYS D 166 -9.48 -15.46 4.17
CA LYS D 166 -9.85 -15.31 2.77
C LYS D 166 -11.07 -14.40 2.60
N GLN D 167 -10.97 -13.44 1.69
CA GLN D 167 -12.05 -12.51 1.30
C GLN D 167 -12.89 -13.20 0.24
N SER D 168 -13.99 -12.57 -0.16
CA SER D 168 -14.89 -13.08 -1.21
C SER D 168 -14.20 -13.21 -2.58
N ASN D 169 -13.18 -12.36 -2.86
CA ASN D 169 -12.43 -12.39 -4.13
C ASN D 169 -11.28 -13.42 -4.16
N ASN D 170 -11.23 -14.36 -3.19
CA ASN D 170 -10.17 -15.37 -3.06
C ASN D 170 -8.79 -14.87 -2.62
N LYS D 171 -8.66 -13.57 -2.27
CA LYS D 171 -7.42 -13.01 -1.72
C LYS D 171 -7.57 -12.84 -0.21
N TYR D 172 -6.47 -12.64 0.53
CA TYR D 172 -6.52 -12.57 1.99
C TYR D 172 -6.56 -11.13 2.56
N ALA D 173 -7.08 -10.99 3.78
CA ALA D 173 -7.13 -9.73 4.54
C ALA D 173 -6.70 -9.99 5.95
N ALA D 174 -6.06 -8.99 6.56
CA ALA D 174 -5.60 -9.05 7.94
C ALA D 174 -5.61 -7.64 8.48
N SER D 175 -5.63 -7.51 9.80
CA SER D 175 -5.66 -6.23 10.49
C SER D 175 -4.59 -6.23 11.56
N SER D 176 -3.96 -5.08 11.82
CA SER D 176 -3.03 -4.95 12.95
C SER D 176 -3.36 -3.64 13.66
N TYR D 177 -3.41 -3.69 14.98
CA TYR D 177 -3.73 -2.55 15.81
C TYR D 177 -2.60 -2.25 16.74
N LEU D 178 -2.20 -0.99 16.82
CA LEU D 178 -1.17 -0.61 17.79
C LEU D 178 -1.86 0.31 18.84
N SER D 179 -1.87 -0.14 20.14
CA SER D 179 -2.42 0.59 21.27
C SER D 179 -1.30 1.41 21.89
N LEU D 180 -1.54 2.72 22.05
CA LEU D 180 -0.56 3.65 22.59
C LEU D 180 -1.26 4.53 23.59
N THR D 181 -0.50 5.25 24.42
CA THR D 181 -1.12 6.28 25.25
C THR D 181 -1.18 7.53 24.33
N PRO D 182 -2.13 8.46 24.55
CA PRO D 182 -2.08 9.75 23.83
C PRO D 182 -0.70 10.44 23.91
N GLU D 183 -0.04 10.36 25.10
CA GLU D 183 1.29 10.93 25.33
C GLU D 183 2.36 10.35 24.39
N GLN D 184 2.42 9.00 24.22
CA GLN D 184 3.37 8.32 23.29
C GLN D 184 3.09 8.72 21.85
N TRP D 185 1.78 8.77 21.48
CA TRP D 185 1.40 9.18 20.14
C TRP D 185 1.94 10.57 19.79
N LYS D 186 1.71 11.55 20.69
CA LYS D 186 2.14 12.94 20.47
C LYS D 186 3.66 13.15 20.59
N SER D 187 4.41 12.20 21.20
CA SER D 187 5.85 12.36 21.45
C SER D 187 6.76 11.75 20.37
N HIS D 188 6.20 11.41 19.23
CA HIS D 188 7.00 10.89 18.12
C HIS D 188 6.68 11.70 16.90
N ARG D 189 7.61 11.79 15.93
CA ARG D 189 7.33 12.54 14.71
C ARG D 189 6.38 11.74 13.85
N SER D 190 6.52 10.42 13.88
CA SER D 190 5.65 9.54 13.09
C SER D 190 5.62 8.11 13.63
N TYR D 191 4.65 7.32 13.14
CA TYR D 191 4.56 5.88 13.40
C TYR D 191 4.33 5.23 12.05
N SER D 192 4.85 4.02 11.89
CA SER D 192 4.76 3.28 10.63
C SER D 192 4.29 1.86 10.83
N CYS D 193 3.48 1.39 9.87
CA CYS D 193 3.04 0.00 9.83
C CYS D 193 3.74 -0.55 8.59
N GLN D 194 4.54 -1.61 8.79
CA GLN D 194 5.31 -2.21 7.69
C GLN D 194 4.85 -3.62 7.45
N VAL D 195 4.37 -3.90 6.24
CA VAL D 195 3.83 -5.22 5.87
C VAL D 195 4.72 -5.91 4.85
N THR D 196 5.29 -7.04 5.26
CA THR D 196 6.17 -7.84 4.39
C THR D 196 5.39 -9.04 3.87
N HIS D 197 5.48 -9.25 2.56
CA HIS D 197 4.80 -10.33 1.87
C HIS D 197 5.72 -10.80 0.76
N GLU D 198 6.11 -12.08 0.83
CA GLU D 198 6.98 -12.73 -0.13
C GLU D 198 8.27 -11.91 -0.36
N GLY D 199 8.85 -11.42 0.74
CA GLY D 199 10.11 -10.68 0.69
C GLY D 199 10.05 -9.21 0.33
N SER D 200 8.86 -8.72 -0.08
CA SER D 200 8.68 -7.30 -0.45
C SER D 200 7.83 -6.63 0.60
N THR D 201 8.13 -5.35 0.91
CA THR D 201 7.44 -4.64 1.97
C THR D 201 6.68 -3.43 1.50
N VAL D 202 5.49 -3.25 2.05
CA VAL D 202 4.67 -2.07 1.83
C VAL D 202 4.61 -1.36 3.18
N GLU D 203 5.10 -0.12 3.24
CA GLU D 203 5.10 0.66 4.50
C GLU D 203 4.20 1.89 4.38
N LYS D 204 3.38 2.14 5.41
CA LYS D 204 2.56 3.34 5.49
C LYS D 204 2.95 4.06 6.78
N THR D 205 2.94 5.39 6.76
CA THR D 205 3.33 6.21 7.92
C THR D 205 2.21 7.20 8.26
N VAL D 206 2.04 7.51 9.56
CA VAL D 206 1.07 8.51 10.03
C VAL D 206 1.79 9.39 11.03
N ALA D 207 1.31 10.63 11.18
CA ALA D 207 1.90 11.63 12.06
C ALA D 207 0.85 12.40 12.87
N PRO D 208 1.13 12.77 14.14
CA PRO D 208 0.10 13.54 14.89
C PRO D 208 -0.22 14.89 14.25
N THR D 209 -1.50 15.26 14.27
CA THR D 209 -2.03 16.52 13.75
C THR D 209 -3.04 17.12 14.73
N ALA E 1 29.78 21.96 8.47
CA ALA E 1 29.44 22.62 7.21
C ALA E 1 28.04 23.29 7.25
N VAL E 2 27.84 24.29 6.37
CA VAL E 2 26.57 25.01 6.25
C VAL E 2 25.54 24.14 5.53
N THR E 3 24.37 23.96 6.15
CA THR E 3 23.27 23.23 5.53
C THR E 3 21.98 24.01 5.73
N LEU E 4 21.16 24.09 4.70
CA LEU E 4 19.83 24.73 4.73
C LEU E 4 18.88 23.62 4.32
N ASP E 5 17.92 23.30 5.17
CA ASP E 5 17.04 22.15 4.99
C ASP E 5 15.57 22.59 5.00
N GLU E 6 14.97 22.65 3.81
CA GLU E 6 13.57 23.08 3.65
C GLU E 6 12.57 21.92 3.81
N SER E 7 11.42 22.24 4.41
CA SER E 7 10.30 21.30 4.60
C SER E 7 8.99 22.10 4.49
N GLY E 8 7.85 21.41 4.36
CA GLY E 8 6.54 22.04 4.25
C GLY E 8 5.97 22.09 2.85
N GLY E 9 6.74 21.60 1.89
CA GLY E 9 6.33 21.58 0.49
C GLY E 9 5.27 20.53 0.20
N GLY E 10 4.96 20.38 -1.07
CA GLY E 10 4.00 19.40 -1.54
C GLY E 10 2.78 19.97 -2.22
N LEU E 11 1.76 19.11 -2.29
CA LEU E 11 0.50 19.34 -2.94
C LEU E 11 -0.37 20.30 -2.15
N GLN E 12 -0.73 21.41 -2.78
CA GLN E 12 -1.49 22.47 -2.14
C GLN E 12 -2.72 22.76 -2.99
N THR E 13 -3.85 22.99 -2.34
CA THR E 13 -5.06 23.25 -3.10
C THR E 13 -5.12 24.72 -3.61
N PRO E 14 -5.52 24.93 -4.89
CA PRO E 14 -5.64 26.31 -5.43
C PRO E 14 -6.50 27.17 -4.51
N GLY E 15 -5.98 28.36 -4.13
CA GLY E 15 -6.65 29.28 -3.22
C GLY E 15 -6.25 29.07 -1.76
N GLY E 16 -5.65 27.93 -1.46
CA GLY E 16 -5.19 27.57 -0.13
C GLY E 16 -3.87 28.22 0.24
N GLY E 17 -3.31 27.78 1.37
CA GLY E 17 -2.08 28.34 1.90
C GLY E 17 -1.01 27.32 2.21
N LEU E 18 0.24 27.80 2.32
CA LEU E 18 1.39 26.95 2.61
C LEU E 18 2.27 27.57 3.66
N SER E 19 3.09 26.73 4.30
CA SER E 19 4.05 27.19 5.29
C SER E 19 5.32 26.38 5.11
N LEU E 20 6.37 27.03 4.61
CA LEU E 20 7.66 26.41 4.38
C LEU E 20 8.61 26.77 5.50
N VAL E 21 9.44 25.82 5.94
CA VAL E 21 10.39 26.09 7.01
C VAL E 21 11.78 25.68 6.54
N CYS E 22 12.76 26.57 6.74
CA CYS E 22 14.15 26.30 6.41
C CYS E 22 14.87 26.14 7.75
N LYS E 23 15.42 24.96 8.02
CA LYS E 23 16.19 24.70 9.24
C LYS E 23 17.66 24.89 8.86
N ALA E 24 18.29 25.89 9.46
CA ALA E 24 19.68 26.25 9.20
C ALA E 24 20.62 25.61 10.20
N SER E 25 21.73 25.06 9.73
CA SER E 25 22.73 24.47 10.63
C SER E 25 24.15 24.74 10.11
N GLY E 26 25.13 24.67 11.00
CA GLY E 26 26.53 24.87 10.65
C GLY E 26 26.98 26.31 10.61
N PHE E 27 26.14 27.24 11.12
CA PHE E 27 26.40 28.68 11.24
C PHE E 27 25.38 29.31 12.17
N THR E 28 25.68 30.50 12.68
CA THR E 28 24.79 31.26 13.55
C THR E 28 23.83 32.04 12.66
N LEU E 29 22.55 31.60 12.61
CA LEU E 29 21.52 32.25 11.80
C LEU E 29 21.38 33.76 12.05
N SER E 30 21.42 34.18 13.32
CA SER E 30 21.27 35.58 13.72
C SER E 30 22.32 36.55 13.13
N SER E 31 23.45 36.00 12.60
CA SER E 31 24.52 36.81 11.99
C SER E 31 24.21 37.09 10.51
N TYR E 32 23.10 36.54 9.99
CA TYR E 32 22.80 36.69 8.57
C TYR E 32 21.40 37.16 8.24
N GLN E 33 21.31 37.94 7.17
CA GLN E 33 20.01 38.26 6.57
C GLN E 33 19.70 37.02 5.72
N MET E 34 18.44 36.70 5.47
CA MET E 34 18.13 35.45 4.72
C MET E 34 17.09 35.68 3.65
N MET E 35 17.01 34.77 2.67
CA MET E 35 16.05 34.89 1.58
C MET E 35 15.52 33.56 1.09
N TRP E 36 14.43 33.62 0.32
CA TRP E 36 13.81 32.48 -0.34
C TRP E 36 13.82 32.78 -1.83
N VAL E 37 14.11 31.76 -2.63
CA VAL E 37 14.18 31.83 -4.09
C VAL E 37 13.35 30.64 -4.58
N ARG E 38 12.66 30.79 -5.71
CA ARG E 38 11.89 29.69 -6.27
C ARG E 38 12.17 29.50 -7.75
N GLN E 39 11.76 28.35 -8.28
CA GLN E 39 11.93 28.02 -9.69
C GLN E 39 10.76 27.18 -10.15
N ALA E 40 9.93 27.76 -11.04
CA ALA E 40 8.77 27.09 -11.66
C ALA E 40 9.27 26.01 -12.64
N PRO E 41 8.50 24.90 -12.88
CA PRO E 41 8.97 23.86 -13.82
C PRO E 41 9.34 24.40 -15.20
N GLY E 42 10.56 24.10 -15.63
CA GLY E 42 11.10 24.55 -16.93
C GLY E 42 11.40 26.04 -17.03
N LYS E 43 11.49 26.74 -15.87
CA LYS E 43 11.75 28.19 -15.82
C LYS E 43 13.02 28.50 -15.02
N GLY E 44 13.36 29.78 -14.89
CA GLY E 44 14.54 30.22 -14.16
C GLY E 44 14.28 30.54 -12.70
N LEU E 45 15.32 30.99 -12.02
CA LEU E 45 15.30 31.39 -10.62
C LEU E 45 14.50 32.69 -10.45
N GLU E 46 13.72 32.78 -9.40
CA GLU E 46 12.93 33.97 -9.09
C GLU E 46 13.04 34.26 -7.60
N TRP E 47 13.41 35.49 -7.25
CA TRP E 47 13.54 35.94 -5.87
C TRP E 47 12.14 36.05 -5.21
N VAL E 48 11.94 35.42 -4.04
CA VAL E 48 10.61 35.40 -3.40
C VAL E 48 10.44 36.38 -2.24
N ALA E 49 11.31 36.28 -1.23
CA ALA E 49 11.20 37.08 -0.02
C ALA E 49 12.54 37.14 0.68
N GLY E 50 12.72 38.13 1.53
CA GLY E 50 13.95 38.28 2.31
C GLY E 50 13.64 38.91 3.64
N ILE E 51 14.51 38.67 4.64
CA ILE E 51 14.34 39.16 5.99
C ILE E 51 15.68 39.55 6.60
N THR E 52 15.71 40.66 7.37
CA THR E 52 16.92 41.12 8.05
C THR E 52 17.27 40.18 9.20
N SER E 53 18.48 40.31 9.78
CA SER E 53 18.94 39.40 10.84
C SER E 53 18.01 39.21 12.05
N ARG E 54 17.27 40.27 12.46
CA ARG E 54 16.37 40.19 13.62
C ARG E 54 14.91 40.42 13.26
N GLY E 55 14.60 40.31 11.97
CA GLY E 55 13.25 40.42 11.44
C GLY E 55 12.67 41.81 11.43
N GLY E 56 13.52 42.83 11.58
CA GLY E 56 13.11 44.23 11.57
C GLY E 56 12.58 44.70 10.23
N VAL E 57 13.10 44.17 9.11
CA VAL E 57 12.67 44.54 7.75
C VAL E 57 12.49 43.29 6.89
N THR E 58 11.38 43.25 6.13
CA THR E 58 11.05 42.17 5.21
C THR E 58 10.83 42.77 3.82
N GLY E 59 10.97 41.93 2.80
CA GLY E 59 10.76 42.32 1.42
C GLY E 59 10.28 41.13 0.62
N TYR E 60 9.45 41.40 -0.41
CA TYR E 60 8.80 40.38 -1.20
C TYR E 60 8.89 40.67 -2.67
N GLY E 61 8.99 39.60 -3.48
CA GLY E 61 8.99 39.69 -4.93
C GLY E 61 7.61 40.11 -5.39
N SER E 62 7.51 40.81 -6.54
CA SER E 62 6.21 41.30 -7.01
C SER E 62 5.13 40.22 -7.20
N ALA E 63 5.53 38.99 -7.58
CA ALA E 63 4.62 37.88 -7.82
C ALA E 63 3.88 37.36 -6.55
N VAL E 64 4.45 37.60 -5.36
CA VAL E 64 3.89 37.12 -4.08
C VAL E 64 3.46 38.27 -3.15
N LYS E 65 3.77 39.54 -3.51
CA LYS E 65 3.43 40.74 -2.72
C LYS E 65 1.97 40.72 -2.28
N GLY E 66 1.73 40.87 -0.98
CA GLY E 66 0.39 40.89 -0.40
C GLY E 66 -0.18 39.53 -0.04
N ARG E 67 0.54 38.44 -0.39
CA ARG E 67 0.14 37.06 -0.11
C ARG E 67 1.20 36.34 0.73
N ALA E 68 2.42 36.92 0.82
CA ALA E 68 3.54 36.28 1.52
C ALA E 68 3.93 36.89 2.84
N THR E 69 4.42 36.03 3.76
CA THR E 69 4.94 36.44 5.05
C THR E 69 6.22 35.66 5.35
N ILE E 70 7.33 36.36 5.44
CA ILE E 70 8.62 35.80 5.82
C ILE E 70 8.86 36.15 7.29
N SER E 71 9.28 35.16 8.08
CA SER E 71 9.55 35.36 9.49
C SER E 71 10.74 34.49 9.86
N ARG E 72 11.34 34.72 11.02
CA ARG E 72 12.49 33.93 11.45
C ARG E 72 12.49 33.71 12.94
N ASP E 73 13.16 32.65 13.38
CA ASP E 73 13.33 32.34 14.80
C ASP E 73 14.80 31.99 14.96
N ASN E 74 15.62 32.98 15.33
CA ASN E 74 17.06 32.78 15.51
C ASN E 74 17.41 31.74 16.56
N GLY E 75 16.59 31.67 17.61
CA GLY E 75 16.74 30.71 18.70
C GLY E 75 16.58 29.28 18.25
N GLN E 76 15.63 29.04 17.32
CA GLN E 76 15.37 27.71 16.78
C GLN E 76 16.13 27.42 15.49
N SER E 77 16.87 28.44 14.97
CA SER E 77 17.67 28.39 13.73
C SER E 77 16.78 28.07 12.52
N THR E 78 15.63 28.74 12.44
CA THR E 78 14.67 28.53 11.34
C THR E 78 14.25 29.85 10.68
N VAL E 79 13.94 29.78 9.37
CA VAL E 79 13.39 30.87 8.56
C VAL E 79 12.10 30.26 8.00
N ARG E 80 11.01 31.01 8.04
CA ARG E 80 9.72 30.51 7.60
C ARG E 80 9.13 31.37 6.50
N LEU E 81 8.52 30.72 5.51
CA LEU E 81 7.82 31.40 4.43
C LEU E 81 6.36 30.93 4.34
N GLN E 82 5.43 31.84 4.62
CA GLN E 82 4.01 31.56 4.47
C GLN E 82 3.54 32.23 3.20
N LEU E 83 2.68 31.55 2.44
CA LEU E 83 2.12 32.06 1.18
C LEU E 83 0.67 31.61 1.10
N ASN E 84 -0.23 32.57 0.93
CA ASN E 84 -1.67 32.31 0.87
CA ASN E 84 -1.67 32.31 0.87
C ASN E 84 -2.23 32.59 -0.51
N ASN E 85 -3.55 32.31 -0.69
CA ASN E 85 -4.30 32.45 -1.94
C ASN E 85 -3.45 31.88 -3.10
N LEU E 86 -3.05 30.61 -2.94
CA LEU E 86 -2.18 29.90 -3.86
C LEU E 86 -2.70 29.80 -5.26
N ARG E 87 -1.82 30.06 -6.23
CA ARG E 87 -2.19 29.95 -7.65
C ARG E 87 -1.19 29.06 -8.40
N ALA E 88 -1.54 28.63 -9.61
CA ALA E 88 -0.69 27.74 -10.42
C ALA E 88 0.71 28.33 -10.67
N GLU E 89 0.82 29.66 -10.67
CA GLU E 89 2.09 30.37 -10.85
C GLU E 89 3.05 30.19 -9.65
N ASP E 90 2.52 29.68 -8.50
CA ASP E 90 3.30 29.40 -7.29
C ASP E 90 3.93 28.01 -7.30
N THR E 91 3.55 27.14 -8.24
CA THR E 91 4.13 25.80 -8.39
C THR E 91 5.64 25.94 -8.74
N GLY E 92 6.46 25.18 -8.03
CA GLY E 92 7.89 25.18 -8.28
C GLY E 92 8.69 24.65 -7.11
N THR E 93 10.00 24.72 -7.23
CA THR E 93 10.92 24.31 -6.17
C THR E 93 11.26 25.58 -5.41
N TYR E 94 11.17 25.53 -4.08
CA TYR E 94 11.48 26.67 -3.23
C TYR E 94 12.77 26.39 -2.52
N TYR E 95 13.71 27.34 -2.61
CA TYR E 95 15.01 27.20 -1.95
C TYR E 95 15.20 28.28 -0.91
N CYS E 96 15.77 27.88 0.22
CA CYS E 96 16.25 28.77 1.26
C CYS E 96 17.68 29.14 0.79
N ALA E 97 18.07 30.45 0.85
CA ALA E 97 19.38 30.90 0.40
C ALA E 97 20.06 31.82 1.40
N LYS E 98 21.33 31.52 1.67
CA LYS E 98 22.14 32.25 2.63
C LYS E 98 23.17 33.15 1.93
N PRO E 99 23.22 34.46 2.29
CA PRO E 99 24.27 35.35 1.75
C PRO E 99 25.64 34.92 2.28
N ALA E 100 26.69 35.17 1.48
CA ALA E 100 28.05 34.80 1.84
C ALA E 100 28.59 35.58 3.01
N LEU E 101 28.20 36.85 3.10
CA LEU E 101 28.68 37.78 4.10
C LEU E 101 27.59 38.05 5.12
N ASP E 102 28.03 38.40 6.34
CA ASP E 102 27.17 38.69 7.50
C ASP E 102 26.21 39.87 7.25
N SER E 103 25.24 40.05 8.16
CA SER E 103 24.14 41.03 8.08
C SER E 103 24.58 42.51 7.87
N ASP E 104 25.81 42.89 8.26
CA ASP E 104 26.33 44.26 8.05
C ASP E 104 26.68 44.49 6.59
N GLN E 105 27.05 43.40 5.87
CA GLN E 105 27.58 43.46 4.52
C GLN E 105 26.61 43.08 3.41
N CYS E 106 25.81 42.01 3.59
CA CYS E 106 24.83 41.61 2.57
C CYS E 106 23.41 41.66 3.11
N GLY E 107 22.59 42.45 2.44
CA GLY E 107 21.18 42.59 2.74
C GLY E 107 20.37 41.46 2.14
N PHE E 108 19.16 41.24 2.67
CA PHE E 108 18.27 40.20 2.16
C PHE E 108 17.94 40.25 0.63
N PRO E 109 17.93 41.41 -0.08
CA PRO E 109 17.56 41.39 -1.51
C PRO E 109 18.78 41.41 -2.43
N GLU E 110 19.97 41.21 -1.85
CA GLU E 110 21.21 41.21 -2.60
C GLU E 110 21.43 39.82 -3.19
N ALA E 111 20.70 39.54 -4.26
CA ALA E 111 20.72 38.21 -4.93
C ALA E 111 22.04 37.88 -5.63
N GLY E 112 22.99 38.81 -5.58
CA GLY E 112 24.35 38.65 -6.08
C GLY E 112 25.31 38.19 -5.01
N CYS E 113 24.83 38.05 -3.76
CA CYS E 113 25.63 37.66 -2.59
C CYS E 113 25.42 36.23 -2.04
N ILE E 114 24.65 35.41 -2.73
CA ILE E 114 24.34 34.03 -2.23
C ILE E 114 25.54 33.08 -2.31
N ASP E 115 25.87 32.38 -1.20
CA ASP E 115 26.89 31.33 -1.24
C ASP E 115 26.34 29.93 -0.89
N ALA E 116 25.24 29.84 -0.14
CA ALA E 116 24.67 28.55 0.22
C ALA E 116 23.22 28.46 -0.19
N TRP E 117 22.87 27.31 -0.77
CA TRP E 117 21.51 27.02 -1.20
C TRP E 117 21.00 25.78 -0.48
N GLY E 118 19.72 25.75 -0.16
CA GLY E 118 19.10 24.57 0.43
C GLY E 118 18.90 23.49 -0.63
N HIS E 119 18.45 22.28 -0.24
CA HIS E 119 18.21 21.22 -1.24
C HIS E 119 16.97 21.55 -2.08
N GLY E 120 16.10 22.39 -1.52
CA GLY E 120 14.86 22.79 -2.18
C GLY E 120 13.71 21.88 -1.79
N THR E 121 12.49 22.42 -1.81
CA THR E 121 11.27 21.69 -1.52
C THR E 121 10.25 21.96 -2.64
N GLU E 122 9.58 20.91 -3.14
CA GLU E 122 8.64 21.03 -4.24
C GLU E 122 7.29 21.47 -3.72
N VAL E 123 6.72 22.48 -4.38
CA VAL E 123 5.40 23.00 -4.08
C VAL E 123 4.57 22.79 -5.34
N ILE E 124 3.40 22.13 -5.23
CA ILE E 124 2.53 21.88 -6.36
C ILE E 124 1.15 22.42 -6.04
N VAL E 125 0.72 23.43 -6.79
CA VAL E 125 -0.61 24.01 -6.57
C VAL E 125 -1.56 23.37 -7.58
N SER E 126 -2.42 22.45 -7.10
CA SER E 126 -3.30 21.66 -7.98
C SER E 126 -4.43 21.06 -7.19
N SER E 127 -5.59 20.93 -7.85
CA SER E 127 -6.77 20.28 -7.29
C SER E 127 -6.69 18.72 -7.46
N ALA E 128 -5.68 18.22 -8.24
CA ALA E 128 -5.51 16.77 -8.46
C ALA E 128 -5.14 16.09 -7.18
N SER E 129 -5.63 14.87 -7.00
CA SER E 129 -5.41 14.06 -5.81
CA SER E 129 -5.40 14.08 -5.80
C SER E 129 -4.02 13.43 -5.80
N THR E 130 -3.49 13.16 -4.60
CA THR E 130 -2.21 12.46 -4.43
C THR E 130 -2.45 11.03 -4.90
N LYS E 131 -1.43 10.39 -5.49
CA LYS E 131 -1.52 9.00 -5.91
C LYS E 131 -0.15 8.37 -5.66
N GLY E 132 -0.13 7.31 -4.86
CA GLY E 132 1.09 6.58 -4.56
C GLY E 132 1.50 5.75 -5.76
N PRO E 133 2.77 5.39 -5.89
CA PRO E 133 3.17 4.60 -7.07
C PRO E 133 2.89 3.11 -6.94
N SER E 134 2.85 2.44 -8.09
CA SER E 134 2.82 0.99 -8.18
C SER E 134 4.27 0.66 -8.50
N VAL E 135 4.91 -0.15 -7.65
CA VAL E 135 6.33 -0.47 -7.85
C VAL E 135 6.47 -1.89 -8.40
N PHE E 136 7.14 -2.03 -9.55
CA PHE E 136 7.30 -3.33 -10.16
C PHE E 136 8.76 -3.67 -10.33
N PRO E 137 9.14 -4.94 -10.12
CA PRO E 137 10.55 -5.31 -10.32
C PRO E 137 10.87 -5.41 -11.81
N LEU E 138 12.12 -5.07 -12.16
CA LEU E 138 12.64 -5.19 -13.53
C LEU E 138 13.73 -6.22 -13.43
N ALA E 139 13.31 -7.47 -13.62
CA ALA E 139 14.13 -8.66 -13.42
C ALA E 139 15.39 -8.67 -14.26
N PRO E 140 16.54 -9.11 -13.70
CA PRO E 140 17.75 -9.24 -14.54
C PRO E 140 17.54 -10.36 -15.56
N SER E 141 18.05 -10.23 -16.79
CA SER E 141 17.86 -11.32 -17.77
C SER E 141 19.07 -11.61 -18.67
N SER E 142 19.09 -12.82 -19.29
CA SER E 142 20.16 -13.33 -20.16
C SER E 142 20.37 -12.51 -21.42
N LYS E 143 19.27 -12.17 -22.12
CA LYS E 143 19.28 -11.37 -23.35
C LYS E 143 19.21 -9.86 -22.98
N SER E 144 19.92 -9.47 -21.89
CA SER E 144 20.01 -8.10 -21.38
C SER E 144 21.49 -7.98 -21.00
N THR E 145 21.96 -8.91 -20.13
CA THR E 145 23.31 -9.01 -19.56
C THR E 145 24.39 -8.53 -20.52
N SER E 146 25.23 -7.61 -20.06
CA SER E 146 26.31 -7.04 -20.89
C SER E 146 27.69 -7.60 -20.51
N GLY E 147 27.85 -8.91 -20.68
CA GLY E 147 29.08 -9.63 -20.36
C GLY E 147 29.11 -10.04 -18.90
N GLY E 148 30.18 -9.69 -18.20
CA GLY E 148 30.32 -9.98 -16.77
C GLY E 148 29.34 -9.26 -15.84
N THR E 149 28.59 -8.25 -16.35
CA THR E 149 27.64 -7.43 -15.54
C THR E 149 26.17 -7.58 -16.01
N ALA E 150 25.18 -7.56 -15.05
CA ALA E 150 23.72 -7.67 -15.28
C ALA E 150 22.99 -6.43 -14.79
N ALA E 151 21.92 -6.03 -15.49
CA ALA E 151 21.15 -4.87 -15.11
C ALA E 151 19.83 -5.33 -14.54
N LEU E 152 19.46 -4.78 -13.40
CA LEU E 152 18.16 -5.11 -12.81
C LEU E 152 17.62 -3.81 -12.28
N GLY E 153 16.34 -3.72 -12.04
CA GLY E 153 15.83 -2.44 -11.56
C GLY E 153 14.43 -2.48 -11.01
N CYS E 154 13.86 -1.31 -10.86
CA CYS E 154 12.50 -1.08 -10.39
CA CYS E 154 12.48 -1.16 -10.50
C CYS E 154 11.77 -0.02 -11.18
N LEU E 155 10.56 -0.31 -11.60
CA LEU E 155 9.68 0.60 -12.28
C LEU E 155 8.76 1.22 -11.24
N VAL E 156 8.74 2.55 -11.16
CA VAL E 156 7.92 3.31 -10.17
C VAL E 156 6.85 3.99 -11.02
N LYS E 157 5.69 3.38 -11.11
CA LYS E 157 4.64 3.76 -12.04
C LYS E 157 3.50 4.57 -11.49
N ASP E 158 3.08 5.60 -12.27
CA ASP E 158 1.83 6.36 -12.06
C ASP E 158 1.65 6.98 -10.68
N TYR E 159 2.53 7.92 -10.32
CA TYR E 159 2.39 8.59 -9.05
C TYR E 159 2.19 10.08 -9.28
N PHE E 160 1.72 10.73 -8.24
CA PHE E 160 1.52 12.16 -8.25
C PHE E 160 1.44 12.67 -6.81
N PRO E 161 2.09 13.81 -6.50
CA PRO E 161 2.99 14.61 -7.34
C PRO E 161 4.44 14.12 -7.18
N GLU E 162 5.41 14.85 -7.72
CA GLU E 162 6.82 14.58 -7.43
C GLU E 162 7.10 15.01 -5.97
N PRO E 163 8.17 14.56 -5.31
CA PRO E 163 9.22 13.66 -5.79
C PRO E 163 9.07 12.22 -5.26
N VAL E 164 9.89 11.35 -5.81
CA VAL E 164 10.08 9.97 -5.41
C VAL E 164 11.60 9.85 -5.19
N THR E 165 12.03 9.11 -4.17
CA THR E 165 13.46 8.84 -4.02
C THR E 165 13.60 7.32 -4.06
N VAL E 166 14.74 6.85 -4.59
CA VAL E 166 14.98 5.42 -4.66
C VAL E 166 16.36 5.13 -4.08
N SER E 167 16.45 4.15 -3.20
CA SER E 167 17.75 3.62 -2.74
C SER E 167 17.74 2.11 -3.03
N TRP E 168 18.89 1.46 -2.93
CA TRP E 168 19.03 0.03 -3.15
C TRP E 168 19.63 -0.58 -1.89
N ASN E 169 19.06 -1.72 -1.45
CA ASN E 169 19.51 -2.43 -0.25
C ASN E 169 19.67 -1.50 0.94
N SER E 170 18.64 -0.66 1.17
CA SER E 170 18.55 0.32 2.27
C SER E 170 19.73 1.31 2.32
N GLY E 171 20.27 1.64 1.13
CA GLY E 171 21.40 2.56 1.02
C GLY E 171 22.78 1.91 1.04
N ALA E 172 22.85 0.58 1.27
CA ALA E 172 24.13 -0.15 1.26
C ALA E 172 24.70 -0.30 -0.15
N LEU E 173 23.82 -0.28 -1.18
CA LEU E 173 24.23 -0.43 -2.57
C LEU E 173 24.13 0.90 -3.28
N THR E 174 25.28 1.47 -3.64
CA THR E 174 25.36 2.77 -4.31
C THR E 174 26.04 2.71 -5.68
N SER E 175 27.06 1.86 -5.82
CA SER E 175 27.85 1.73 -7.03
C SER E 175 27.03 1.13 -8.14
N GLY E 176 27.09 1.76 -9.30
CA GLY E 176 26.38 1.32 -10.50
C GLY E 176 24.89 1.58 -10.46
N VAL E 177 24.44 2.47 -9.55
CA VAL E 177 23.01 2.82 -9.45
C VAL E 177 22.73 3.98 -10.40
N HIS E 178 21.67 3.86 -11.19
CA HIS E 178 21.26 4.91 -12.09
C HIS E 178 19.75 5.08 -11.98
N THR E 179 19.34 6.14 -11.28
CA THR E 179 17.93 6.48 -11.12
C THR E 179 17.64 7.54 -12.16
N PHE E 180 16.67 7.26 -13.03
CA PHE E 180 16.37 8.16 -14.12
C PHE E 180 15.32 9.20 -13.73
N PRO E 181 15.45 10.43 -14.31
CA PRO E 181 14.41 11.46 -14.09
C PRO E 181 13.07 10.92 -14.55
N ALA E 182 12.00 11.34 -13.87
CA ALA E 182 10.64 10.90 -14.20
C ALA E 182 10.14 11.44 -15.53
N VAL E 183 9.25 10.68 -16.15
CA VAL E 183 8.51 11.12 -17.33
C VAL E 183 7.17 11.64 -16.77
N LEU E 184 6.64 12.69 -17.35
CA LEU E 184 5.30 13.14 -16.96
C LEU E 184 4.44 12.66 -18.13
N GLN E 185 3.51 11.74 -17.84
CA GLN E 185 2.65 11.14 -18.84
C GLN E 185 1.46 12.05 -19.16
N SER E 186 0.80 11.82 -20.30
CA SER E 186 -0.35 12.61 -20.73
C SER E 186 -1.50 12.57 -19.70
N SER E 187 -1.54 11.50 -18.87
CA SER E 187 -2.52 11.30 -17.79
C SER E 187 -2.37 12.31 -16.63
N GLY E 188 -1.20 12.97 -16.57
CA GLY E 188 -0.85 13.88 -15.49
C GLY E 188 -0.12 13.18 -14.36
N LEU E 189 0.22 11.88 -14.56
CA LEU E 189 0.93 11.08 -13.55
C LEU E 189 2.36 10.86 -14.00
N TYR E 190 3.28 10.72 -13.04
CA TYR E 190 4.67 10.49 -13.34
C TYR E 190 5.01 9.01 -13.26
N SER E 191 6.11 8.62 -13.89
CA SER E 191 6.74 7.31 -13.77
C SER E 191 8.22 7.49 -13.85
N LEU E 192 8.96 6.70 -13.08
CA LEU E 192 10.42 6.68 -13.18
C LEU E 192 10.94 5.26 -13.03
N SER E 193 12.21 5.07 -13.35
CA SER E 193 12.87 3.81 -13.16
C SER E 193 14.23 4.02 -12.50
N SER E 194 14.66 3.02 -11.79
CA SER E 194 16.00 2.99 -11.17
C SER E 194 16.58 1.65 -11.54
N VAL E 195 17.82 1.65 -12.06
CA VAL E 195 18.50 0.44 -12.50
CA VAL E 195 18.50 0.43 -12.50
C VAL E 195 19.86 0.34 -11.79
N VAL E 196 20.27 -0.86 -11.49
CA VAL E 196 21.56 -1.08 -10.87
C VAL E 196 22.27 -2.16 -11.69
N THR E 197 23.55 -1.94 -11.97
CA THR E 197 24.40 -2.88 -12.72
C THR E 197 25.25 -3.60 -11.70
N VAL E 198 25.09 -4.92 -11.63
CA VAL E 198 25.70 -5.78 -10.64
C VAL E 198 26.49 -6.93 -11.32
N PRO E 199 27.41 -7.62 -10.61
CA PRO E 199 28.08 -8.78 -11.25
C PRO E 199 27.05 -9.89 -11.52
N SER E 200 27.11 -10.50 -12.72
CA SER E 200 26.20 -11.59 -13.13
C SER E 200 26.28 -12.78 -12.16
N SER E 201 27.50 -13.09 -11.68
CA SER E 201 27.79 -14.19 -10.73
C SER E 201 27.09 -14.04 -9.36
N SER E 202 26.77 -12.80 -8.93
CA SER E 202 26.11 -12.46 -7.67
C SER E 202 24.61 -12.79 -7.63
N LEU E 203 23.94 -12.90 -8.81
CA LEU E 203 22.49 -13.12 -8.91
C LEU E 203 21.89 -14.26 -8.08
N GLY E 204 22.58 -15.39 -8.02
CA GLY E 204 22.12 -16.54 -7.25
C GLY E 204 22.41 -16.47 -5.76
N THR E 205 23.21 -15.47 -5.32
CA THR E 205 23.60 -15.35 -3.91
C THR E 205 23.20 -14.03 -3.23
N GLN E 206 23.21 -12.92 -3.94
CA GLN E 206 22.93 -11.60 -3.37
C GLN E 206 21.49 -11.12 -3.60
N THR E 207 20.81 -10.75 -2.51
CA THR E 207 19.46 -10.18 -2.54
C THR E 207 19.54 -8.70 -2.95
N TYR E 208 18.61 -8.28 -3.84
CA TYR E 208 18.51 -6.90 -4.32
C TYR E 208 17.10 -6.40 -4.08
N ILE E 209 17.02 -5.28 -3.37
CA ILE E 209 15.78 -4.64 -2.98
C ILE E 209 15.85 -3.15 -3.28
N CYS E 210 14.85 -2.65 -4.00
CA CYS E 210 14.80 -1.23 -4.22
C CYS E 210 13.86 -0.62 -3.18
N ASN E 211 14.30 0.47 -2.53
CA ASN E 211 13.50 1.16 -1.48
C ASN E 211 12.99 2.44 -2.09
N VAL E 212 11.69 2.48 -2.39
CA VAL E 212 11.07 3.58 -3.10
C VAL E 212 10.25 4.39 -2.12
N ASN E 213 10.58 5.69 -1.96
CA ASN E 213 9.86 6.55 -1.02
C ASN E 213 9.07 7.62 -1.76
N HIS E 214 7.76 7.67 -1.52
CA HIS E 214 6.88 8.70 -2.05
C HIS E 214 6.25 9.38 -0.85
N LYS E 215 6.98 10.34 -0.27
CA LYS E 215 6.52 11.15 0.89
C LYS E 215 5.15 11.80 0.72
N PRO E 216 4.76 12.32 -0.49
CA PRO E 216 3.40 12.88 -0.64
C PRO E 216 2.25 11.94 -0.31
N SER E 217 2.41 10.61 -0.53
CA SER E 217 1.33 9.65 -0.19
C SER E 217 1.71 8.86 1.07
N ASN E 218 2.81 9.23 1.78
CA ASN E 218 3.26 8.53 3.01
C ASN E 218 3.53 7.03 2.73
N THR E 219 3.98 6.71 1.52
CA THR E 219 4.18 5.35 1.04
C THR E 219 5.67 5.10 0.85
N LYS E 220 6.11 3.95 1.32
CA LYS E 220 7.43 3.45 1.07
C LYS E 220 7.25 1.97 0.65
N VAL E 221 7.86 1.60 -0.47
CA VAL E 221 7.78 0.24 -0.96
C VAL E 221 9.21 -0.31 -1.08
N ASP E 222 9.46 -1.50 -0.51
CA ASP E 222 10.74 -2.20 -0.62
C ASP E 222 10.48 -3.42 -1.45
N LYS E 223 10.80 -3.33 -2.75
CA LYS E 223 10.51 -4.39 -3.70
C LYS E 223 11.75 -5.24 -3.96
N LYS E 224 11.60 -6.55 -3.72
CA LYS E 224 12.66 -7.55 -3.95
C LYS E 224 12.73 -7.78 -5.46
N VAL E 225 13.95 -7.70 -6.03
CA VAL E 225 14.14 -7.89 -7.47
C VAL E 225 14.88 -9.23 -7.69
N GLU E 226 14.14 -10.23 -8.16
CA GLU E 226 14.63 -11.61 -8.39
C GLU E 226 14.71 -11.96 -9.86
N PRO E 227 15.56 -12.96 -10.25
CA PRO E 227 15.58 -13.38 -11.66
C PRO E 227 14.22 -13.95 -12.05
N LYS E 228 13.80 -13.73 -13.30
CA LYS E 228 12.49 -14.21 -13.79
C LYS E 228 12.38 -15.74 -13.72
N ALA F 3 14.89 44.47 -14.80
CA ALA F 3 15.26 43.08 -15.06
C ALA F 3 16.72 42.94 -15.48
N LEU F 4 17.28 41.72 -15.31
CA LEU F 4 18.66 41.43 -15.69
C LEU F 4 18.71 40.84 -17.09
N THR F 5 19.70 41.25 -17.87
CA THR F 5 19.89 40.78 -19.23
C THR F 5 21.17 39.96 -19.35
N GLN F 6 21.01 38.68 -19.73
CA GLN F 6 22.11 37.75 -20.00
C GLN F 6 21.74 36.96 -21.26
N PRO F 7 22.70 36.55 -22.12
CA PRO F 7 22.30 35.84 -23.36
C PRO F 7 21.64 34.48 -23.09
N THR F 8 20.76 34.05 -23.99
CA THR F 8 20.08 32.74 -23.88
C THR F 8 21.10 31.59 -23.92
N SER F 9 22.03 31.69 -24.87
CA SER F 9 23.03 30.64 -25.09
C SER F 9 24.42 31.18 -25.35
N VAL F 10 25.43 30.36 -25.02
CA VAL F 10 26.84 30.64 -25.31
C VAL F 10 27.58 29.32 -25.61
N SER F 11 28.44 29.34 -26.63
CA SER F 11 29.23 28.19 -26.98
C SER F 11 30.71 28.45 -26.77
N ALA F 12 31.43 27.41 -26.35
CA ALA F 12 32.88 27.46 -26.12
C ALA F 12 33.51 26.17 -26.60
N ASN F 13 34.77 26.24 -27.09
CA ASN F 13 35.48 25.03 -27.49
C ASN F 13 36.17 24.49 -26.24
N LEU F 14 36.22 23.15 -26.09
CA LEU F 14 36.87 22.45 -24.98
C LEU F 14 38.33 22.93 -24.81
N GLY F 15 38.64 23.37 -23.59
CA GLY F 15 39.95 23.88 -23.22
C GLY F 15 40.15 25.36 -23.53
N GLY F 16 39.17 25.97 -24.19
CA GLY F 16 39.18 27.38 -24.55
C GLY F 16 38.59 28.27 -23.48
N SER F 17 38.28 29.52 -23.86
CA SER F 17 37.70 30.49 -22.94
C SER F 17 36.29 30.89 -23.35
N VAL F 18 35.48 31.27 -22.36
CA VAL F 18 34.10 31.70 -22.58
C VAL F 18 33.77 32.86 -21.67
N GLU F 19 32.96 33.80 -22.18
CA GLU F 19 32.50 34.95 -21.41
C GLU F 19 30.99 35.03 -21.42
N ILE F 20 30.40 35.30 -20.26
CA ILE F 20 28.97 35.49 -20.15
C ILE F 20 28.75 36.82 -19.46
N THR F 21 28.01 37.73 -20.10
CA THR F 21 27.74 39.04 -19.52
C THR F 21 26.36 39.11 -18.92
N CYS F 22 26.21 39.99 -17.92
CA CYS F 22 24.94 40.26 -17.26
C CYS F 22 24.90 41.75 -16.90
N SER F 23 23.80 42.41 -17.27
CA SER F 23 23.57 43.83 -17.03
C SER F 23 22.16 44.01 -16.50
N GLY F 24 21.86 45.20 -16.00
CA GLY F 24 20.53 45.54 -15.49
C GLY F 24 20.52 46.00 -14.05
N SER F 25 21.66 45.86 -13.36
CA SER F 25 21.81 46.28 -11.97
C SER F 25 23.01 47.19 -11.75
N ASP F 26 22.87 48.19 -10.85
CA ASP F 26 23.98 49.08 -10.49
C ASP F 26 24.67 48.56 -9.23
N TYR F 27 24.26 47.36 -8.79
CA TYR F 27 24.73 46.70 -7.57
C TYR F 27 25.65 45.50 -7.83
N ASP F 28 25.83 44.62 -6.83
CA ASP F 28 26.74 43.48 -6.94
C ASP F 28 26.15 42.26 -7.62
N TYR F 29 26.95 41.58 -8.47
CA TYR F 29 26.48 40.42 -9.20
C TYR F 29 26.99 39.08 -8.68
N GLY F 30 26.15 38.07 -8.81
CA GLY F 30 26.46 36.69 -8.48
C GLY F 30 26.19 35.77 -9.65
N TRP F 31 26.89 34.64 -9.72
CA TRP F 31 26.71 33.65 -10.79
C TRP F 31 26.45 32.28 -10.19
N TYR F 32 25.33 31.66 -10.62
CA TYR F 32 24.85 30.38 -10.06
C TYR F 32 24.68 29.34 -11.12
N GLN F 33 25.40 28.22 -10.94
CA GLN F 33 25.41 27.11 -11.88
C GLN F 33 24.31 26.10 -11.54
N GLN F 34 23.53 25.72 -12.57
CA GLN F 34 22.53 24.68 -12.40
C GLN F 34 22.65 23.69 -13.55
N LYS F 35 22.99 22.44 -13.23
CA LYS F 35 23.15 21.41 -14.26
C LYS F 35 21.80 20.77 -14.66
N ALA F 36 20.84 20.73 -13.72
CA ALA F 36 19.50 20.20 -13.99
C ALA F 36 18.44 21.04 -13.30
N PRO F 37 17.31 21.40 -13.99
CA PRO F 37 16.25 22.18 -13.32
C PRO F 37 15.71 21.44 -12.11
N GLY F 38 15.40 22.17 -11.06
CA GLY F 38 14.93 21.58 -9.80
C GLY F 38 16.03 21.15 -8.86
N SER F 39 17.30 21.03 -9.34
CA SER F 39 18.43 20.68 -8.48
C SER F 39 19.03 21.97 -7.95
N ALA F 40 19.50 21.93 -6.70
CA ALA F 40 20.05 23.09 -6.03
C ALA F 40 21.14 23.76 -6.88
N PRO F 41 21.04 25.09 -7.09
CA PRO F 41 22.11 25.79 -7.83
C PRO F 41 23.41 25.75 -7.00
N VAL F 42 24.54 25.94 -7.70
CA VAL F 42 25.86 25.98 -7.09
C VAL F 42 26.45 27.38 -7.39
N THR F 43 26.79 28.15 -6.35
CA THR F 43 27.41 29.45 -6.56
C THR F 43 28.83 29.24 -7.12
N VAL F 44 29.13 29.90 -8.25
CA VAL F 44 30.46 29.91 -8.84
C VAL F 44 31.19 31.22 -8.54
N ILE F 45 30.42 32.33 -8.44
CA ILE F 45 30.92 33.69 -8.14
C ILE F 45 29.85 34.45 -7.37
N TYR F 46 30.23 35.15 -6.30
CA TYR F 46 29.33 36.02 -5.54
C TYR F 46 30.05 37.36 -5.31
N TRP F 47 29.29 38.44 -5.02
CA TRP F 47 29.86 39.79 -4.78
C TRP F 47 30.90 40.16 -5.86
N ASN F 48 30.46 40.06 -7.13
CA ASN F 48 31.18 40.34 -8.37
C ASN F 48 32.30 39.41 -8.73
N ASP F 49 33.25 39.19 -7.81
CA ASP F 49 34.46 38.44 -8.14
C ASP F 49 34.95 37.44 -7.12
N LYS F 50 34.13 37.13 -6.09
CA LYS F 50 34.52 36.17 -5.05
C LYS F 50 34.13 34.74 -5.41
N ARG F 51 35.08 33.85 -5.31
CA ARG F 51 34.91 32.47 -5.68
C ARG F 51 34.78 31.61 -4.41
N PRO F 52 33.65 30.90 -4.19
CA PRO F 52 33.53 30.01 -3.01
C PRO F 52 34.61 28.92 -3.02
N SER F 53 35.07 28.52 -1.82
CA SER F 53 36.18 27.57 -1.55
C SER F 53 36.31 26.34 -2.45
N ASP F 54 35.19 25.68 -2.75
CA ASP F 54 35.16 24.46 -3.56
C ASP F 54 35.13 24.67 -5.07
N ILE F 55 35.13 25.94 -5.55
CA ILE F 55 35.06 26.23 -6.99
C ILE F 55 36.45 26.39 -7.60
N PRO F 56 36.75 25.68 -8.72
CA PRO F 56 38.07 25.80 -9.36
C PRO F 56 38.38 27.20 -9.86
N SER F 57 39.70 27.56 -9.85
CA SER F 57 40.28 28.83 -10.27
C SER F 57 39.88 29.29 -11.68
N ARG F 58 39.52 28.36 -12.59
CA ARG F 58 39.13 28.64 -13.96
C ARG F 58 37.90 29.57 -14.07
N PHE F 59 37.09 29.66 -12.98
CA PHE F 59 35.93 30.53 -12.89
C PHE F 59 36.35 31.89 -12.30
N SER F 60 36.06 32.98 -13.02
CA SER F 60 36.33 34.33 -12.54
C SER F 60 35.19 35.25 -12.89
N GLY F 61 35.03 36.30 -12.10
CA GLY F 61 34.00 37.32 -12.27
C GLY F 61 34.62 38.70 -12.29
N SER F 62 34.00 39.62 -13.04
CA SER F 62 34.45 41.00 -13.15
C SER F 62 33.30 41.93 -13.48
N THR F 63 33.01 42.87 -12.59
CA THR F 63 31.98 43.89 -12.81
C THR F 63 32.72 45.18 -13.21
N SER F 64 32.49 45.67 -14.43
CA SER F 64 33.06 46.92 -14.96
C SER F 64 31.85 47.79 -15.29
N GLY F 65 31.76 48.95 -14.65
CA GLY F 65 30.60 49.81 -14.81
C GLY F 65 29.43 49.13 -14.12
N SER F 66 28.34 48.90 -14.88
CA SER F 66 27.17 48.19 -14.35
C SER F 66 26.93 46.81 -15.03
N THR F 67 28.00 46.25 -15.63
CA THR F 67 27.96 44.97 -16.35
C THR F 67 28.90 43.96 -15.71
N SER F 68 28.39 42.75 -15.41
CA SER F 68 29.20 41.66 -14.88
C SER F 68 29.59 40.72 -16.00
N THR F 69 30.82 40.23 -15.95
CA THR F 69 31.27 39.22 -16.90
C THR F 69 31.77 38.00 -16.15
N LEU F 70 31.15 36.83 -16.41
CA LEU F 70 31.59 35.58 -15.85
C LEU F 70 32.52 34.99 -16.90
N THR F 71 33.77 34.69 -16.53
CA THR F 71 34.74 34.09 -17.45
C THR F 71 35.13 32.70 -16.97
N ILE F 72 35.18 31.74 -17.91
CA ILE F 72 35.66 30.40 -17.64
C ILE F 72 36.87 30.24 -18.59
N THR F 73 38.09 30.14 -18.02
CA THR F 73 39.33 30.00 -18.80
C THR F 73 39.81 28.55 -18.76
N GLY F 74 39.81 27.89 -19.92
CA GLY F 74 40.16 26.48 -20.00
C GLY F 74 38.94 25.65 -19.69
N VAL F 75 37.85 25.91 -20.44
CA VAL F 75 36.54 25.29 -20.29
C VAL F 75 36.58 23.77 -20.38
N GLN F 76 35.91 23.12 -19.42
CA GLN F 76 35.83 21.67 -19.32
C GLN F 76 34.43 21.21 -19.66
N ALA F 77 34.31 19.96 -20.15
CA ALA F 77 33.03 19.34 -20.45
C ALA F 77 32.05 19.45 -19.27
N GLU F 78 32.56 19.32 -18.03
CA GLU F 78 31.74 19.41 -16.81
C GLU F 78 31.12 20.80 -16.54
N ASP F 79 31.56 21.83 -17.27
CA ASP F 79 31.07 23.21 -17.10
C ASP F 79 29.78 23.47 -17.88
N GLU F 80 29.38 22.51 -18.74
CA GLU F 80 28.11 22.54 -19.45
C GLU F 80 27.00 22.61 -18.41
N ALA F 81 26.25 23.73 -18.40
CA ALA F 81 25.17 23.97 -17.42
C ALA F 81 24.45 25.25 -17.82
N VAL F 82 23.42 25.60 -17.04
CA VAL F 82 22.71 26.85 -17.16
C VAL F 82 23.32 27.72 -16.06
N TYR F 83 23.78 28.92 -16.43
CA TYR F 83 24.35 29.87 -15.48
C TYR F 83 23.39 31.01 -15.31
N TYR F 84 22.96 31.24 -14.07
CA TYR F 84 22.05 32.33 -13.74
C TYR F 84 22.81 33.46 -13.08
N CYS F 85 22.59 34.71 -13.50
CA CYS F 85 23.17 35.87 -12.82
C CYS F 85 22.13 36.41 -11.85
N GLY F 86 22.58 36.90 -10.71
CA GLY F 86 21.73 37.45 -9.65
C GLY F 86 22.29 38.77 -9.16
N ALA F 87 21.42 39.70 -8.74
CA ALA F 87 21.81 41.03 -8.25
C ALA F 87 20.67 41.69 -7.50
N TYR F 88 20.94 42.86 -6.93
CA TYR F 88 19.95 43.65 -6.25
C TYR F 88 19.27 44.59 -7.26
N ASP F 89 17.95 44.72 -7.18
CA ASP F 89 17.23 45.65 -8.06
C ASP F 89 17.09 46.94 -7.27
N GLY F 90 17.85 47.96 -7.66
CA GLY F 90 17.83 49.26 -7.03
C GLY F 90 16.57 50.07 -7.22
N SER F 91 15.83 49.84 -8.33
CA SER F 91 14.57 50.55 -8.65
C SER F 91 13.44 50.11 -7.70
N ALA F 92 13.17 48.81 -7.71
CA ALA F 92 12.10 48.25 -6.93
C ALA F 92 12.43 47.62 -5.59
N GLY F 93 13.69 47.47 -5.21
CA GLY F 93 13.99 46.99 -3.87
C GLY F 93 14.04 45.50 -3.52
N GLY F 94 13.92 44.63 -4.51
CA GLY F 94 14.02 43.22 -4.29
C GLY F 94 15.18 42.55 -5.01
N GLY F 95 15.38 41.26 -4.77
CA GLY F 95 16.38 40.51 -5.53
C GLY F 95 15.89 40.25 -6.94
N ILE F 96 16.82 40.10 -7.89
CA ILE F 96 16.49 39.82 -9.30
C ILE F 96 17.49 38.85 -9.89
N PHE F 97 17.05 38.07 -10.87
CA PHE F 97 17.88 37.10 -11.57
C PHE F 97 17.70 37.27 -13.06
N GLY F 98 18.73 36.91 -13.82
CA GLY F 98 18.65 36.86 -15.26
C GLY F 98 17.93 35.59 -15.67
N ALA F 99 17.59 35.47 -16.96
CA ALA F 99 16.83 34.33 -17.46
C ALA F 99 17.66 33.03 -17.61
N GLY F 100 18.97 33.14 -17.42
CA GLY F 100 19.88 32.01 -17.50
C GLY F 100 20.54 31.84 -18.85
N THR F 101 21.82 31.44 -18.84
CA THR F 101 22.61 31.24 -20.04
C THR F 101 23.01 29.79 -20.12
N THR F 102 22.65 29.12 -21.22
CA THR F 102 23.03 27.71 -21.43
C THR F 102 24.40 27.66 -22.10
N LEU F 103 25.37 27.04 -21.43
CA LEU F 103 26.70 26.85 -21.97
C LEU F 103 26.83 25.48 -22.64
N THR F 104 27.16 25.48 -23.94
CA THR F 104 27.43 24.25 -24.71
C THR F 104 28.94 24.20 -24.98
N VAL F 105 29.59 23.11 -24.59
CA VAL F 105 31.03 22.95 -24.78
C VAL F 105 31.24 22.13 -26.05
N LEU F 106 31.62 22.81 -27.14
CA LEU F 106 31.87 22.16 -28.43
C LEU F 106 33.25 21.47 -28.35
N GLY F 107 33.51 20.60 -29.32
CA GLY F 107 34.78 19.89 -29.41
C GLY F 107 34.94 18.72 -28.49
N GLN F 108 33.86 18.28 -27.85
CA GLN F 108 33.98 17.12 -26.98
C GLN F 108 33.54 15.84 -27.71
N PRO F 109 33.96 14.65 -27.21
CA PRO F 109 33.66 13.42 -27.95
C PRO F 109 32.20 13.03 -28.01
N LYS F 110 31.80 12.55 -29.21
CA LYS F 110 30.46 12.02 -29.43
C LYS F 110 30.41 10.64 -28.77
N ALA F 111 29.37 10.34 -27.99
CA ALA F 111 29.26 9.06 -27.32
C ALA F 111 27.93 8.44 -27.67
N ALA F 112 27.93 7.21 -28.21
CA ALA F 112 26.70 6.53 -28.59
C ALA F 112 25.92 6.12 -27.33
N PRO F 113 24.57 6.07 -27.38
CA PRO F 113 23.85 5.61 -26.18
C PRO F 113 23.97 4.13 -25.88
N SER F 114 23.90 3.79 -24.58
CA SER F 114 23.77 2.42 -24.11
C SER F 114 22.26 2.29 -23.94
N VAL F 115 21.67 1.17 -24.37
CA VAL F 115 20.21 0.99 -24.29
C VAL F 115 19.90 -0.29 -23.55
N THR F 116 19.02 -0.19 -22.52
CA THR F 116 18.57 -1.36 -21.76
C THR F 116 17.08 -1.37 -21.84
N LEU F 117 16.52 -2.49 -22.30
CA LEU F 117 15.08 -2.63 -22.46
C LEU F 117 14.54 -3.75 -21.58
N PHE F 118 13.53 -3.45 -20.77
CA PHE F 118 12.89 -4.46 -19.91
C PHE F 118 11.49 -4.71 -20.36
N PRO F 119 11.09 -6.00 -20.36
CA PRO F 119 9.71 -6.34 -20.69
C PRO F 119 8.81 -6.10 -19.44
N PRO F 120 7.49 -6.27 -19.56
CA PRO F 120 6.62 -6.14 -18.38
C PRO F 120 6.93 -7.22 -17.34
N SER F 121 6.77 -6.86 -16.09
CA SER F 121 6.92 -7.80 -14.99
C SER F 121 5.68 -8.69 -14.92
N SER F 122 5.81 -9.89 -14.35
CA SER F 122 4.67 -10.79 -14.09
C SER F 122 3.63 -10.04 -13.22
N GLU F 123 4.10 -9.25 -12.21
CA GLU F 123 3.22 -8.50 -11.30
C GLU F 123 2.32 -7.50 -12.02
N GLU F 124 2.87 -6.79 -12.99
CA GLU F 124 2.09 -5.81 -13.74
C GLU F 124 1.06 -6.48 -14.63
N LEU F 125 1.48 -7.59 -15.30
CA LEU F 125 0.62 -8.39 -16.17
C LEU F 125 -0.57 -8.97 -15.39
N GLN F 126 -0.33 -9.38 -14.14
CA GLN F 126 -1.39 -9.87 -13.24
C GLN F 126 -2.38 -8.75 -12.83
N ALA F 127 -1.98 -7.48 -13.00
CA ALA F 127 -2.82 -6.32 -12.71
C ALA F 127 -3.49 -5.80 -14.02
N ASN F 128 -3.45 -6.62 -15.10
CA ASN F 128 -4.03 -6.31 -16.41
C ASN F 128 -3.44 -5.08 -17.11
N LYS F 129 -2.14 -4.82 -16.85
CA LYS F 129 -1.38 -3.74 -17.48
C LYS F 129 -0.06 -4.29 -17.99
N ALA F 130 0.67 -3.50 -18.80
CA ALA F 130 1.96 -3.92 -19.34
C ALA F 130 2.70 -2.68 -19.74
N THR F 131 3.92 -2.53 -19.25
CA THR F 131 4.80 -1.40 -19.59
C THR F 131 6.14 -1.94 -20.01
N LEU F 132 6.65 -1.47 -21.15
CA LEU F 132 8.00 -1.77 -21.63
C LEU F 132 8.86 -0.56 -21.25
N VAL F 133 10.03 -0.83 -20.67
CA VAL F 133 10.88 0.23 -20.14
C VAL F 133 12.21 0.30 -20.92
N CYS F 134 12.44 1.42 -21.61
CA CYS F 134 13.65 1.64 -22.41
C CYS F 134 14.50 2.71 -21.80
N LEU F 135 15.67 2.30 -21.22
CA LEU F 135 16.60 3.19 -20.51
CA LEU F 135 16.56 3.22 -20.53
C LEU F 135 17.77 3.51 -21.40
N ILE F 136 18.03 4.82 -21.62
CA ILE F 136 19.07 5.30 -22.56
C ILE F 136 20.06 6.13 -21.79
N SER F 137 21.32 5.73 -21.83
CA SER F 137 22.28 6.46 -21.03
C SER F 137 23.63 6.66 -21.72
N ASP F 138 24.45 7.56 -21.14
CA ASP F 138 25.83 7.85 -21.54
C ASP F 138 25.97 8.33 -22.96
N PHE F 139 25.02 9.11 -23.45
CA PHE F 139 25.14 9.64 -24.81
C PHE F 139 25.52 11.14 -24.81
N TYR F 140 26.20 11.55 -25.87
CA TYR F 140 26.61 12.95 -26.07
C TYR F 140 26.80 13.16 -27.58
N PRO F 141 26.24 14.21 -28.24
CA PRO F 141 25.41 15.30 -27.68
C PRO F 141 24.03 14.83 -27.18
N GLY F 142 23.38 15.68 -26.39
CA GLY F 142 22.13 15.36 -25.72
C GLY F 142 20.84 15.42 -26.52
N ALA F 143 20.81 14.73 -27.66
CA ALA F 143 19.63 14.65 -28.52
C ALA F 143 19.53 13.22 -29.05
N VAL F 144 18.39 12.58 -28.85
CA VAL F 144 18.10 11.23 -29.35
C VAL F 144 16.69 11.25 -29.87
N THR F 145 16.40 10.33 -30.77
CA THR F 145 15.05 10.08 -31.26
C THR F 145 14.72 8.63 -30.89
N VAL F 146 13.55 8.41 -30.30
CA VAL F 146 13.14 7.08 -29.85
C VAL F 146 11.96 6.62 -30.66
N ALA F 147 12.07 5.41 -31.25
CA ALA F 147 11.00 4.84 -32.02
C ALA F 147 10.74 3.45 -31.47
N TRP F 148 9.46 3.10 -31.34
CA TRP F 148 9.07 1.77 -30.88
C TRP F 148 8.46 0.95 -32.03
N LYS F 149 8.74 -0.35 -32.03
CA LYS F 149 8.14 -1.25 -33.03
C LYS F 149 7.47 -2.45 -32.34
N ALA F 150 6.31 -2.87 -32.86
CA ALA F 150 5.57 -4.08 -32.47
C ALA F 150 5.84 -5.00 -33.66
N ASP F 151 6.68 -6.03 -33.46
CA ASP F 151 7.27 -6.86 -34.53
C ASP F 151 7.94 -5.77 -35.38
N SER F 152 7.67 -5.71 -36.71
CA SER F 152 8.24 -4.68 -37.59
C SER F 152 7.42 -3.40 -37.78
N SER F 153 6.22 -3.32 -37.18
CA SER F 153 5.33 -2.16 -37.33
C SER F 153 5.58 -1.05 -36.33
N PRO F 154 5.55 0.22 -36.78
CA PRO F 154 5.75 1.34 -35.84
C PRO F 154 4.61 1.44 -34.84
N VAL F 155 4.92 1.76 -33.57
CA VAL F 155 3.92 1.95 -32.52
C VAL F 155 4.06 3.42 -32.18
N LYS F 156 3.00 4.20 -32.25
CA LYS F 156 3.09 5.59 -31.78
C LYS F 156 2.24 5.78 -30.53
N ALA F 157 1.08 5.06 -30.47
CA ALA F 157 0.21 5.18 -29.29
C ALA F 157 0.81 4.48 -28.06
N GLY F 158 0.65 5.12 -26.91
CA GLY F 158 1.13 4.62 -25.64
C GLY F 158 2.59 4.86 -25.34
N VAL F 159 3.26 5.68 -26.15
CA VAL F 159 4.68 6.01 -25.97
C VAL F 159 4.81 7.30 -25.18
N GLU F 160 5.63 7.29 -24.11
CA GLU F 160 5.96 8.48 -23.30
C GLU F 160 7.48 8.51 -23.18
N THR F 161 8.14 9.58 -23.65
CA THR F 161 9.59 9.71 -23.64
C THR F 161 10.02 10.99 -22.95
N THR F 162 11.08 10.91 -22.14
CA THR F 162 11.57 12.10 -21.46
C THR F 162 12.49 12.90 -22.39
N THR F 163 12.72 14.17 -22.02
CA THR F 163 13.70 14.98 -22.71
C THR F 163 15.05 14.57 -22.10
N PRO F 164 16.16 14.57 -22.84
CA PRO F 164 17.44 14.17 -22.23
C PRO F 164 17.86 15.05 -21.06
N SER F 165 18.57 14.48 -20.10
CA SER F 165 19.01 15.22 -18.93
C SER F 165 20.40 14.81 -18.62
N LYS F 166 21.15 15.73 -18.04
CA LYS F 166 22.53 15.52 -17.64
C LYS F 166 22.68 14.48 -16.54
N GLN F 167 23.68 13.62 -16.69
CA GLN F 167 24.06 12.62 -15.70
C GLN F 167 25.17 13.29 -14.92
N SER F 168 25.61 12.67 -13.80
CA SER F 168 26.73 13.17 -13.01
C SER F 168 28.05 13.18 -13.80
N ASN F 169 28.19 12.29 -14.82
CA ASN F 169 29.40 12.22 -15.67
C ASN F 169 29.35 13.19 -16.89
N ASN F 170 28.34 14.09 -16.92
CA ASN F 170 28.13 15.12 -17.97
C ASN F 170 27.69 14.62 -19.36
N LYS F 171 27.39 13.31 -19.46
CA LYS F 171 26.78 12.70 -20.63
C LYS F 171 25.26 12.75 -20.33
N TYR F 172 24.42 12.32 -21.26
CA TYR F 172 22.99 12.43 -21.10
C TYR F 172 22.28 11.10 -20.88
N ALA F 173 21.11 11.16 -20.25
CA ALA F 173 20.24 10.02 -20.02
C ALA F 173 18.84 10.39 -20.44
N ALA F 174 18.04 9.41 -20.88
CA ALA F 174 16.64 9.61 -21.26
C ALA F 174 15.94 8.27 -21.04
N SER F 175 14.62 8.30 -20.96
CA SER F 175 13.79 7.12 -20.70
C SER F 175 12.63 7.15 -21.69
N SER F 176 12.18 5.97 -22.13
CA SER F 176 10.97 5.88 -22.93
C SER F 176 10.15 4.71 -22.40
N TYR F 177 8.85 4.90 -22.26
CA TYR F 177 7.93 3.90 -21.73
C TYR F 177 6.89 3.59 -22.77
N LEU F 178 6.65 2.31 -23.03
CA LEU F 178 5.56 1.91 -23.94
C LEU F 178 4.48 1.17 -23.13
N SER F 179 3.25 1.74 -23.06
CA SER F 179 2.08 1.17 -22.39
C SER F 179 1.31 0.32 -23.40
N LEU F 180 1.05 -0.94 -23.04
CA LEU F 180 0.33 -1.89 -23.90
C LEU F 180 -0.68 -2.61 -23.08
N THR F 181 -1.63 -3.31 -23.74
CA THR F 181 -2.50 -4.19 -22.98
C THR F 181 -1.72 -5.53 -22.87
N PRO F 182 -1.97 -6.37 -21.84
CA PRO F 182 -1.38 -7.72 -21.82
C PRO F 182 -1.60 -8.50 -23.14
N GLU F 183 -2.81 -8.35 -23.82
CA GLU F 183 -3.09 -9.04 -25.10
C GLU F 183 -2.12 -8.58 -26.18
N GLN F 184 -1.95 -7.26 -26.34
CA GLN F 184 -1.02 -6.73 -27.34
C GLN F 184 0.38 -7.29 -27.08
N TRP F 185 0.82 -7.28 -25.82
CA TRP F 185 2.15 -7.80 -25.48
C TRP F 185 2.30 -9.25 -25.92
N LYS F 186 1.32 -10.12 -25.61
CA LYS F 186 1.37 -11.54 -25.99
C LYS F 186 1.07 -11.83 -27.46
N SER F 187 0.49 -10.89 -28.19
CA SER F 187 0.09 -11.08 -29.60
C SER F 187 1.10 -10.61 -30.61
N HIS F 188 2.35 -10.44 -30.18
CA HIS F 188 3.43 -10.09 -31.08
C HIS F 188 4.59 -11.00 -30.79
N ARG F 189 5.47 -11.24 -31.77
CA ARG F 189 6.63 -12.09 -31.50
C ARG F 189 7.65 -11.31 -30.68
N SER F 190 7.76 -10.01 -30.96
CA SER F 190 8.68 -9.15 -30.22
C SER F 190 8.27 -7.68 -30.25
N TYR F 191 8.90 -6.88 -29.39
CA TYR F 191 8.80 -5.41 -29.39
C TYR F 191 10.19 -4.88 -29.36
N SER F 192 10.42 -3.75 -30.01
CA SER F 192 11.74 -3.13 -30.07
C SER F 192 11.72 -1.67 -29.70
N CYS F 193 12.77 -1.23 -29.00
CA CYS F 193 13.02 0.16 -28.69
C CYS F 193 14.21 0.54 -29.54
N GLN F 194 14.03 1.53 -30.41
CA GLN F 194 15.09 1.97 -31.33
C GLN F 194 15.52 3.38 -31.02
N VAL F 195 16.81 3.55 -30.68
CA VAL F 195 17.37 4.85 -30.30
C VAL F 195 18.33 5.35 -31.36
N THR F 196 17.98 6.49 -31.99
CA THR F 196 18.79 7.13 -33.03
C THR F 196 19.54 8.30 -32.41
N HIS F 197 20.85 8.33 -32.64
CA HIS F 197 21.76 9.36 -32.13
C HIS F 197 22.79 9.62 -33.20
N GLU F 198 22.83 10.88 -33.68
CA GLU F 198 23.78 11.34 -34.71
C GLU F 198 23.75 10.42 -35.95
N GLY F 199 22.55 10.04 -36.36
CA GLY F 199 22.33 9.23 -37.56
C GLY F 199 22.54 7.73 -37.42
N SER F 200 23.03 7.26 -36.25
CA SER F 200 23.24 5.82 -36.00
C SER F 200 22.25 5.36 -34.97
N THR F 201 21.80 4.10 -35.09
CA THR F 201 20.76 3.58 -34.21
C THR F 201 21.19 2.39 -33.40
N VAL F 202 20.75 2.35 -32.15
CA VAL F 202 20.92 1.21 -31.26
C VAL F 202 19.53 0.68 -31.00
N GLU F 203 19.28 -0.59 -31.35
CA GLU F 203 17.97 -1.20 -31.13
CA GLU F 203 17.98 -1.19 -31.12
C GLU F 203 18.06 -2.38 -30.16
N LYS F 204 17.13 -2.46 -29.22
CA LYS F 204 16.99 -3.59 -28.29
C LYS F 204 15.60 -4.16 -28.49
N THR F 205 15.50 -5.49 -28.39
CA THR F 205 14.24 -6.22 -28.60
CA THR F 205 14.20 -6.17 -28.54
C THR F 205 13.91 -7.05 -27.33
N VAL F 206 12.64 -7.24 -27.04
CA VAL F 206 12.14 -8.08 -25.93
C VAL F 206 11.02 -8.92 -26.52
N ALA F 207 10.76 -10.09 -25.95
CA ALA F 207 9.73 -10.99 -26.47
C ALA F 207 9.01 -11.66 -25.28
N PRO F 208 7.70 -11.93 -25.36
CA PRO F 208 6.98 -12.54 -24.21
C PRO F 208 7.49 -13.92 -23.82
N THR F 209 7.38 -14.25 -22.53
CA THR F 209 7.86 -15.51 -21.96
C THR F 209 6.82 -16.14 -21.01
#